data_4GRE
# 
_entry.id   4GRE 
# 
_audit_conform.dict_name       mmcif_pdbx.dic 
_audit_conform.dict_version    5.387 
_audit_conform.dict_location   http://mmcif.pdb.org/dictionaries/ascii/mmcif_pdbx.dic 
# 
loop_
_database_2.database_id 
_database_2.database_code 
_database_2.pdbx_database_accession 
_database_2.pdbx_DOI 
PDB   4GRE         pdb_00004gre 10.2210/pdb4gre/pdb 
NDB   NA2015       ?            ?                   
RCSB  RCSB074542   ?            ?                   
WWPDB D_1000074542 ?            ?                   
# 
loop_
_pdbx_audit_revision_history.ordinal 
_pdbx_audit_revision_history.data_content_type 
_pdbx_audit_revision_history.major_revision 
_pdbx_audit_revision_history.minor_revision 
_pdbx_audit_revision_history.revision_date 
1 'Structure model' 1 0 2013-07-31 
2 'Structure model' 1 1 2013-12-18 
3 'Structure model' 1 2 2024-02-28 
# 
_pdbx_audit_revision_details.ordinal             1 
_pdbx_audit_revision_details.revision_ordinal    1 
_pdbx_audit_revision_details.data_content_type   'Structure model' 
_pdbx_audit_revision_details.provider            repository 
_pdbx_audit_revision_details.type                'Initial release' 
_pdbx_audit_revision_details.description         ? 
_pdbx_audit_revision_details.details             ? 
# 
loop_
_pdbx_audit_revision_group.ordinal 
_pdbx_audit_revision_group.revision_ordinal 
_pdbx_audit_revision_group.data_content_type 
_pdbx_audit_revision_group.group 
1 2 'Structure model' 'Database references'  
2 3 'Structure model' 'Data collection'      
3 3 'Structure model' 'Database references'  
4 3 'Structure model' 'Derived calculations' 
# 
loop_
_pdbx_audit_revision_category.ordinal 
_pdbx_audit_revision_category.revision_ordinal 
_pdbx_audit_revision_category.data_content_type 
_pdbx_audit_revision_category.category 
1 3 'Structure model' chem_comp_atom 
2 3 'Structure model' chem_comp_bond 
3 3 'Structure model' database_2     
4 3 'Structure model' struct_conn    
# 
loop_
_pdbx_audit_revision_item.ordinal 
_pdbx_audit_revision_item.revision_ordinal 
_pdbx_audit_revision_item.data_content_type 
_pdbx_audit_revision_item.item 
1 3 'Structure model' '_database_2.pdbx_DOI'                
2 3 'Structure model' '_database_2.pdbx_database_accession' 
3 3 'Structure model' '_struct_conn.pdbx_leaving_atom_flag' 
# 
_pdbx_database_status.entry_id                        4GRE 
_pdbx_database_status.status_code                     REL 
_pdbx_database_status.deposit_site                    RCSB 
_pdbx_database_status.process_site                    RCSB 
_pdbx_database_status.recvd_initial_deposition_date   2012-08-24 
_pdbx_database_status.status_code_sf                  REL 
_pdbx_database_status.status_code_mr                  ? 
_pdbx_database_status.SG_entry                        ? 
_pdbx_database_status.status_code_cs                  ? 
_pdbx_database_status.methods_development_category    ? 
_pdbx_database_status.pdb_format_compatible           Y 
_pdbx_database_status.status_code_nmr_data            ? 
# 
loop_
_pdbx_database_related.db_name 
_pdbx_database_related.db_id 
_pdbx_database_related.details 
_pdbx_database_related.content_type 
PDB 2ORG . unspecified 
PDB 2ORF . unspecified 
PDB 2ORH . unspecified 
PDB 3TOK . unspecified 
PDB 4GQD . unspecified 
PDB 4GS2 . unspecified 
PDB 4GSG . unspecified 
PDB 4GSI . unspecified 
# 
loop_
_audit_author.name 
_audit_author.pdbx_ordinal 
'Ho, P.S.'   1 
'Carter, M.' 2 
# 
_citation.id                        primary 
_citation.title                     'Enthalpy-entropy compensation in biomolecular halogen bonds measured in DNA junctions.' 
_citation.journal_abbrev            Biochemistry 
_citation.journal_volume            52 
_citation.page_first                4891 
_citation.page_last                 4903 
_citation.year                      2013 
_citation.journal_id_ASTM           BICHAW 
_citation.country                   US 
_citation.journal_id_ISSN           0006-2960 
_citation.journal_id_CSD            0033 
_citation.book_publisher            ? 
_citation.pdbx_database_id_PubMed   23789744 
_citation.pdbx_database_id_DOI      10.1021/bi400590h 
# 
loop_
_citation_author.citation_id 
_citation_author.name 
_citation_author.ordinal 
_citation_author.identifier_ORCID 
primary 'Carter, M.'       1 ? 
primary 'Voth, A.R.'       2 ? 
primary 'Scholfield, M.R.' 3 ? 
primary 'Rummel, B.'       4 ? 
primary 'Sowers, L.C.'     5 ? 
primary 'Ho, P.S.'         6 ? 
# 
loop_
_entity.id 
_entity.type 
_entity.src_method 
_entity.pdbx_description 
_entity.formula_weight 
_entity.pdbx_number_of_molecules 
_entity.pdbx_ec 
_entity.pdbx_mutation 
_entity.pdbx_fragment 
_entity.details 
1 polymer man 
;DNA (5'-D(*CP*CP*GP*GP*TP*AP*(IOU)P*CP*GP*G)-3')
;
3172.874 1  ? ? ? ? 
2 polymer syn 
;DNA (5'-D(*CP*CP*GP*AP*TP*AP*CP*CP*GP*G)-3')
;
3029.994 1  ? ? ? ? 
3 water   nat water                                              18.015   74 ? ? ? ? 
# 
loop_
_entity_poly.entity_id 
_entity_poly.type 
_entity_poly.nstd_linkage 
_entity_poly.nstd_monomer 
_entity_poly.pdbx_seq_one_letter_code 
_entity_poly.pdbx_seq_one_letter_code_can 
_entity_poly.pdbx_strand_id 
_entity_poly.pdbx_target_identifier 
1 polydeoxyribonucleotide no yes '(DC)(DC)(DG)(DG)(DT)(DA)(5IU)(DC)(DG)(DG)' CCGGTAUCGG A ? 
2 polydeoxyribonucleotide no no  '(DC)(DC)(DG)(DA)(DT)(DA)(DC)(DC)(DG)(DG)'  CCGATACCGG B ? 
# 
_pdbx_entity_nonpoly.entity_id   3 
_pdbx_entity_nonpoly.name        water 
_pdbx_entity_nonpoly.comp_id     HOH 
# 
loop_
_entity_poly_seq.entity_id 
_entity_poly_seq.num 
_entity_poly_seq.mon_id 
_entity_poly_seq.hetero 
1 1  DC  n 
1 2  DC  n 
1 3  DG  n 
1 4  DG  n 
1 5  DT  n 
1 6  DA  n 
1 7  5IU n 
1 8  DC  n 
1 9  DG  n 
1 10 DG  n 
2 1  DC  n 
2 2  DC  n 
2 3  DG  n 
2 4  DA  n 
2 5  DT  n 
2 6  DA  n 
2 7  DC  n 
2 8  DC  n 
2 9  DG  n 
2 10 DG  n 
# 
loop_
_pdbx_entity_src_syn.entity_id 
_pdbx_entity_src_syn.pdbx_src_id 
_pdbx_entity_src_syn.pdbx_alt_source_flag 
_pdbx_entity_src_syn.pdbx_beg_seq_num 
_pdbx_entity_src_syn.pdbx_end_seq_num 
_pdbx_entity_src_syn.organism_scientific 
_pdbx_entity_src_syn.organism_common_name 
_pdbx_entity_src_syn.ncbi_taxonomy_id 
_pdbx_entity_src_syn.details 
1 1 sample ? ? ? ? ? 'synthetically engineered DNA sequence' 
2 1 sample ? ? ? ? ? 'synthetically engineered DNA sequence' 
# 
loop_
_chem_comp.id 
_chem_comp.type 
_chem_comp.mon_nstd_flag 
_chem_comp.name 
_chem_comp.pdbx_synonyms 
_chem_comp.formula 
_chem_comp.formula_weight 
5IU 'DNA linking' n "5-IODO-2'-DEOXYURIDINE-5'-MONOPHOSPHATE" ? 'C9 H12 I N2 O8 P' 434.078 
DA  'DNA linking' y "2'-DEOXYADENOSINE-5'-MONOPHOSPHATE"      ? 'C10 H14 N5 O6 P'  331.222 
DC  'DNA linking' y "2'-DEOXYCYTIDINE-5'-MONOPHOSPHATE"       ? 'C9 H14 N3 O7 P'   307.197 
DG  'DNA linking' y "2'-DEOXYGUANOSINE-5'-MONOPHOSPHATE"      ? 'C10 H14 N5 O7 P'  347.221 
DT  'DNA linking' y "THYMIDINE-5'-MONOPHOSPHATE"              ? 'C10 H15 N2 O8 P'  322.208 
HOH non-polymer   . WATER                                     ? 'H2 O'             18.015  
# 
loop_
_pdbx_poly_seq_scheme.asym_id 
_pdbx_poly_seq_scheme.entity_id 
_pdbx_poly_seq_scheme.seq_id 
_pdbx_poly_seq_scheme.mon_id 
_pdbx_poly_seq_scheme.ndb_seq_num 
_pdbx_poly_seq_scheme.pdb_seq_num 
_pdbx_poly_seq_scheme.auth_seq_num 
_pdbx_poly_seq_scheme.pdb_mon_id 
_pdbx_poly_seq_scheme.auth_mon_id 
_pdbx_poly_seq_scheme.pdb_strand_id 
_pdbx_poly_seq_scheme.pdb_ins_code 
_pdbx_poly_seq_scheme.hetero 
A 1 1  DC  1  1  1  DC  DC  A . n 
A 1 2  DC  2  2  2  DC  DC  A . n 
A 1 3  DG  3  3  3  DG  DG  A . n 
A 1 4  DG  4  4  4  DG  DG  A . n 
A 1 5  DT  5  5  5  DT  DT  A . n 
A 1 6  DA  6  6  6  DA  DA  A . n 
A 1 7  5IU 7  7  7  5IU IOU A . n 
A 1 8  DC  8  8  8  DC  DC  A . n 
A 1 9  DG  9  9  9  DG  DG  A . n 
A 1 10 DG  10 10 10 DG  DG  A . n 
B 2 1  DC  1  11 11 DC  DC  B . n 
B 2 2  DC  2  12 12 DC  DC  B . n 
B 2 3  DG  3  13 13 DG  DG  B . n 
B 2 4  DA  4  14 14 DA  DA  B . n 
B 2 5  DT  5  15 15 DT  DT  B . n 
B 2 6  DA  6  16 16 DA  DA  B . n 
B 2 7  DC  7  17 17 DC  DC  B . n 
B 2 8  DC  8  18 18 DC  DC  B . n 
B 2 9  DG  9  19 19 DG  DG  B . n 
B 2 10 DG  10 20 20 DG  DG  B . n 
# 
loop_
_pdbx_nonpoly_scheme.asym_id 
_pdbx_nonpoly_scheme.entity_id 
_pdbx_nonpoly_scheme.mon_id 
_pdbx_nonpoly_scheme.ndb_seq_num 
_pdbx_nonpoly_scheme.pdb_seq_num 
_pdbx_nonpoly_scheme.auth_seq_num 
_pdbx_nonpoly_scheme.pdb_mon_id 
_pdbx_nonpoly_scheme.auth_mon_id 
_pdbx_nonpoly_scheme.pdb_strand_id 
_pdbx_nonpoly_scheme.pdb_ins_code 
C 3 HOH 1  101 21 HOH HOH A . 
C 3 HOH 2  102 22 HOH HOH A . 
C 3 HOH 3  103 24 HOH HOH A . 
C 3 HOH 4  104 25 HOH HOH A . 
C 3 HOH 5  105 28 HOH HOH A . 
C 3 HOH 6  106 29 HOH HOH A . 
C 3 HOH 7  107 31 HOH HOH A . 
C 3 HOH 8  108 33 HOH HOH A . 
C 3 HOH 9  109 34 HOH HOH A . 
C 3 HOH 10 110 37 HOH HOH A . 
C 3 HOH 11 111 39 HOH HOH A . 
C 3 HOH 12 112 40 HOH HOH A . 
C 3 HOH 13 113 44 HOH HOH A . 
C 3 HOH 14 114 48 HOH HOH A . 
C 3 HOH 15 115 49 HOH HOH A . 
C 3 HOH 16 116 50 HOH HOH A . 
C 3 HOH 17 117 54 HOH HOH A . 
C 3 HOH 18 118 55 HOH HOH A . 
C 3 HOH 19 119 57 HOH HOH A . 
C 3 HOH 20 120 59 HOH HOH A . 
C 3 HOH 21 121 60 HOH HOH A . 
C 3 HOH 22 122 62 HOH HOH A . 
C 3 HOH 23 123 63 HOH HOH A . 
C 3 HOH 24 124 64 HOH HOH A . 
C 3 HOH 25 125 65 HOH HOH A . 
C 3 HOH 26 126 70 HOH HOH A . 
C 3 HOH 27 127 73 HOH HOH A . 
C 3 HOH 28 128 74 HOH HOH A . 
C 3 HOH 29 129 78 HOH HOH A . 
C 3 HOH 30 130 79 HOH HOH A . 
C 3 HOH 31 131 80 HOH HOH A . 
C 3 HOH 32 132 82 HOH HOH A . 
C 3 HOH 33 133 83 HOH HOH A . 
C 3 HOH 34 134 86 HOH HOH A . 
C 3 HOH 35 135 88 HOH HOH A . 
C 3 HOH 36 136 89 HOH HOH A . 
D 3 HOH 1  101 95 HOH HOH B . 
D 3 HOH 2  102 23 HOH HOH B . 
D 3 HOH 3  103 26 HOH HOH B . 
D 3 HOH 4  104 27 HOH HOH B . 
D 3 HOH 5  105 30 HOH HOH B . 
D 3 HOH 6  106 32 HOH HOH B . 
D 3 HOH 7  107 36 HOH HOH B . 
D 3 HOH 8  108 38 HOH HOH B . 
D 3 HOH 9  109 41 HOH HOH B . 
D 3 HOH 10 110 42 HOH HOH B . 
D 3 HOH 11 111 43 HOH HOH B . 
D 3 HOH 12 112 45 HOH HOH B . 
D 3 HOH 13 113 46 HOH HOH B . 
D 3 HOH 14 114 47 HOH HOH B . 
D 3 HOH 15 115 51 HOH HOH B . 
D 3 HOH 16 116 52 HOH HOH B . 
D 3 HOH 17 117 53 HOH HOH B . 
D 3 HOH 18 118 56 HOH HOH B . 
D 3 HOH 19 119 58 HOH HOH B . 
D 3 HOH 20 120 61 HOH HOH B . 
D 3 HOH 21 121 66 HOH HOH B . 
D 3 HOH 22 122 67 HOH HOH B . 
D 3 HOH 23 123 68 HOH HOH B . 
D 3 HOH 24 124 69 HOH HOH B . 
D 3 HOH 25 125 71 HOH HOH B . 
D 3 HOH 26 126 72 HOH HOH B . 
D 3 HOH 27 127 75 HOH HOH B . 
D 3 HOH 28 128 76 HOH HOH B . 
D 3 HOH 29 129 77 HOH HOH B . 
D 3 HOH 30 130 81 HOH HOH B . 
D 3 HOH 31 131 84 HOH HOH B . 
D 3 HOH 32 132 85 HOH HOH B . 
D 3 HOH 33 133 87 HOH HOH B . 
D 3 HOH 34 134 90 HOH HOH B . 
D 3 HOH 35 135 91 HOH HOH B . 
D 3 HOH 36 136 92 HOH HOH B . 
D 3 HOH 37 137 93 HOH HOH B . 
D 3 HOH 38 138 94 HOH HOH B . 
# 
loop_
_software.pdbx_ordinal 
_software.name 
_software.version 
_software.date 
_software.type 
_software.contact_author 
_software.contact_author_email 
_software.classification 
_software.location 
_software.language 
_software.citation_id 
1 CNS         1.2  ?                package 'Axel T. Brunger' axel.brunger@yale.edu    refinement        http://cns-online.org/ 
Fortran_77 ? 
2 PDB_EXTRACT 3.11 'April 22, 2011' package PDB               deposit@deposit.rcsb.org 'data extraction' 
http://sw-tools.pdb.org/apps/PDB_EXTRACT/ C++        ? 
3 HKL-2000    .    ?                ?       ?                 ?                        'data collection' ? ?          ? 
4 HKL-2000    .    ?                ?       ?                 ?                        'data reduction'  ? ?          ? 
5 HKL-2000    .    ?                ?       ?                 ?                        'data scaling'    ? ?          ? 
6 CNS         .    ?                ?       ?                 ?                        phasing           ? ?          ? 
# 
_cell.entry_id           4GRE 
_cell.length_a           64.956 
_cell.length_b           24.773 
_cell.length_c           37.616 
_cell.angle_alpha        90.00 
_cell.angle_beta         111.59 
_cell.angle_gamma        90.00 
_cell.Z_PDB              4 
_cell.pdbx_unique_axis   ? 
_cell.length_a_esd       ? 
_cell.length_b_esd       ? 
_cell.length_c_esd       ? 
_cell.angle_alpha_esd    ? 
_cell.angle_beta_esd     ? 
_cell.angle_gamma_esd    ? 
# 
_symmetry.entry_id                         4GRE 
_symmetry.space_group_name_H-M             'C 1 2 1' 
_symmetry.pdbx_full_space_group_name_H-M   ? 
_symmetry.cell_setting                     ? 
_symmetry.Int_Tables_number                5 
_symmetry.space_group_name_Hall            ? 
# 
_exptl.crystals_number   1 
_exptl.entry_id          4GRE 
_exptl.method            'X-RAY DIFFRACTION' 
# 
_exptl_crystal.id                    1 
_exptl_crystal.density_Matthews      2.44 
_exptl_crystal.density_meas          ? 
_exptl_crystal.density_percent_sol   49.58 
_exptl_crystal.description           ? 
_exptl_crystal.F_000                 ? 
_exptl_crystal.preparation           ? 
# 
_exptl_crystal_grow.crystal_id      1 
_exptl_crystal_grow.method          'hanging drop' 
_exptl_crystal_grow.pH              7 
_exptl_crystal_grow.temp            298 
_exptl_crystal_grow.pdbx_details    
;0.7mM DNA, 25mM sodium cacodylate pH 7.0 buffer, 10-25mM calcium chloride, and 0.8-1.2mM spermine, equilibrated against a reservoir of 30-40% aqueous MPD, hanging drop, temperature 298 K
;
_exptl_crystal_grow.temp_details    ? 
_exptl_crystal_grow.pdbx_pH_range   ? 
# 
_diffrn.id                     1 
_diffrn.ambient_temp           133 
_diffrn.ambient_temp_details   ? 
_diffrn.crystal_id             1 
# 
_diffrn_detector.diffrn_id              1 
_diffrn_detector.detector               CCD 
_diffrn_detector.type                   'ADSC QUANTUM 315' 
_diffrn_detector.pdbx_collection_date   2004-10-31 
_diffrn_detector.details                ? 
# 
_diffrn_radiation.diffrn_id                        1 
_diffrn_radiation.pdbx_diffrn_protocol             'SINGLE WAVELENGTH' 
_diffrn_radiation.monochromator                    ? 
_diffrn_radiation.wavelength_id                    1 
_diffrn_radiation.pdbx_monochromatic_or_laue_m_l   M 
_diffrn_radiation.pdbx_scattering_type             x-ray 
# 
_diffrn_radiation_wavelength.id           1 
_diffrn_radiation_wavelength.wavelength   1 
_diffrn_radiation_wavelength.wt           1.0 
# 
_diffrn_source.diffrn_id                   1 
_diffrn_source.source                      SYNCHROTRON 
_diffrn_source.type                        'APS BEAMLINE 14-BM-C' 
_diffrn_source.pdbx_wavelength_list        1 
_diffrn_source.pdbx_wavelength             ? 
_diffrn_source.pdbx_synchrotron_site       APS 
_diffrn_source.pdbx_synchrotron_beamline   14-BM-C 
# 
_reflns.entry_id                     4GRE 
_reflns.B_iso_Wilson_estimate        9.900 
_reflns.observed_criterion_sigma_F   1.4 
_reflns.observed_criterion_sigma_I   2 
_reflns.d_resolution_high            1.7 
_reflns.d_resolution_low             19.57 
_reflns.number_all                   6266 
_reflns.number_obs                   5772 
_reflns.percent_possible_obs         91.4 
_reflns.pdbx_Rmerge_I_obs            ? 
_reflns.pdbx_Rsym_value              ? 
_reflns.pdbx_netI_over_sigmaI        ? 
_reflns.pdbx_redundancy              ? 
_reflns.R_free_details               ? 
_reflns.limit_h_max                  ? 
_reflns.limit_h_min                  ? 
_reflns.limit_k_max                  ? 
_reflns.limit_k_min                  ? 
_reflns.limit_l_max                  ? 
_reflns.limit_l_min                  ? 
_reflns.observed_criterion_F_max     ? 
_reflns.observed_criterion_F_min     ? 
_reflns.pdbx_chi_squared             ? 
_reflns.pdbx_scaling_rejects         ? 
_reflns.pdbx_ordinal                 1 
_reflns.pdbx_diffrn_id               1 
# 
_reflns_shell.d_res_high             1.7 
_reflns_shell.d_res_low              1.81 
_reflns_shell.percent_possible_obs   ? 
_reflns_shell.percent_possible_all   78.2 
_reflns_shell.Rmerge_I_obs           ? 
_reflns_shell.meanI_over_sigI_obs    ? 
_reflns_shell.pdbx_Rsym_value        ? 
_reflns_shell.pdbx_redundancy        ? 
_reflns_shell.number_unique_all      ? 
_reflns_shell.number_measured_all    ? 
_reflns_shell.number_measured_obs    ? 
_reflns_shell.number_unique_obs      ? 
_reflns_shell.pdbx_chi_squared       ? 
_reflns_shell.pdbx_ordinal           1 
_reflns_shell.pdbx_diffrn_id         1 
# 
_refine.entry_id                                 4GRE 
_refine.ls_d_res_high                            1.7000 
_refine.ls_d_res_low                             19.5700 
_refine.pdbx_ls_sigma_F                          0.000 
_refine.pdbx_data_cutoff_high_absF               49861.0000 
_refine.pdbx_data_cutoff_low_absF                0.0000 
_refine.ls_percent_reflns_obs                    91.4000 
_refine.ls_number_reflns_obs                     5772 
_refine.ls_number_reflns_all                     6319 
_refine.pdbx_ls_cross_valid_method               THROUGHOUT 
_refine.pdbx_R_Free_selection_details            RANDOM 
_refine.details                                  'BULK SOLVENT MODEL USED' 
_refine.ls_R_factor_all                          ? 
_refine.ls_R_factor_obs                          ? 
_refine.ls_R_factor_R_work                       0.2390 
_refine.ls_wR_factor_R_work                      ? 
_refine.ls_R_factor_R_free                       0.2550 
_refine.ls_wR_factor_R_free                      ? 
_refine.ls_percent_reflns_R_free                 10.7000 
_refine.ls_number_reflns_R_free                  619 
_refine.ls_R_factor_R_free_error                 0.0100 
_refine.B_iso_mean                               18.0466 
_refine.solvent_model_param_bsol                 95.1750 
_refine.solvent_model_param_ksol                 0.4500 
_refine.pdbx_isotropic_thermal_model             RESTRAINED 
_refine.aniso_B[1][1]                            -1.7700 
_refine.aniso_B[2][2]                            5.4700 
_refine.aniso_B[3][3]                            -3.7000 
_refine.aniso_B[1][2]                            0.0000 
_refine.aniso_B[1][3]                            -0.5900 
_refine.aniso_B[2][3]                            0.0000 
_refine.correlation_coeff_Fo_to_Fc               ? 
_refine.correlation_coeff_Fo_to_Fc_free          ? 
_refine.overall_SU_R_Cruickshank_DPI             ? 
_refine.overall_SU_R_free                        ? 
_refine.pdbx_overall_ESU_R                       ? 
_refine.pdbx_overall_ESU_R_Free                  ? 
_refine.overall_SU_ML                            ? 
_refine.overall_SU_B                             ? 
_refine.solvent_model_details                    'FLAT MODEL' 
_refine.pdbx_solvent_vdw_probe_radii             ? 
_refine.pdbx_solvent_ion_probe_radii             ? 
_refine.pdbx_solvent_shrinkage_radii             ? 
_refine.ls_number_parameters                     ? 
_refine.ls_number_restraints                     ? 
_refine.pdbx_starting_model                      ? 
_refine.pdbx_method_to_determine_struct          'MOLECULAR REPLACEMENT' 
_refine.pdbx_stereochemistry_target_values       ? 
_refine.pdbx_stereochem_target_val_spec_case     ? 
_refine.overall_FOM_work_R_set                   ? 
_refine.B_iso_max                                42.810 
_refine.B_iso_min                                1.330 
_refine.pdbx_overall_phase_error                 ? 
_refine.occupancy_max                            1.000 
_refine.occupancy_min                            0.500 
_refine.pdbx_ls_sigma_I                          ? 
_refine.ls_redundancy_reflns_obs                 ? 
_refine.ls_R_factor_R_free_error_details         ? 
_refine.pdbx_data_cutoff_high_rms_absF           ? 
_refine.overall_FOM_free_R_set                   ? 
_refine.pdbx_diffrn_id                           1 
_refine.pdbx_refine_id                           'X-RAY DIFFRACTION' 
_refine.pdbx_TLS_residual_ADP_flag               ? 
_refine.pdbx_overall_SU_R_free_Cruickshank_DPI   ? 
_refine.pdbx_overall_SU_R_Blow_DPI               ? 
_refine.pdbx_overall_SU_R_free_Blow_DPI          ? 
# 
_refine_analyze.entry_id                        4GRE 
_refine_analyze.Luzzati_coordinate_error_obs    0.240 
_refine_analyze.Luzzati_sigma_a_obs             0.170 
_refine_analyze.Luzzati_d_res_low_obs           5.000 
_refine_analyze.Luzzati_coordinate_error_free   0.270 
_refine_analyze.Luzzati_sigma_a_free            0.230 
_refine_analyze.Luzzati_d_res_low_free          ? 
_refine_analyze.number_disordered_residues      ? 
_refine_analyze.occupancy_sum_non_hydrogen      ? 
_refine_analyze.occupancy_sum_hydrogen          ? 
_refine_analyze.pdbx_Luzzati_d_res_high_obs     ? 
_refine_analyze.pdbx_refine_id                  'X-RAY DIFFRACTION' 
# 
_refine_hist.pdbx_refine_id                   'X-RAY DIFFRACTION' 
_refine_hist.cycle_id                         LAST 
_refine_hist.pdbx_number_atoms_protein        0 
_refine_hist.pdbx_number_atoms_nucleic_acid   404 
_refine_hist.pdbx_number_atoms_ligand         0 
_refine_hist.number_atoms_solvent             74 
_refine_hist.number_atoms_total               478 
_refine_hist.d_res_high                       1.7000 
_refine_hist.d_res_low                        19.5700 
# 
loop_
_refine_ls_restr.type 
_refine_ls_restr.number 
_refine_ls_restr.dev_ideal 
_refine_ls_restr.dev_ideal_target 
_refine_ls_restr.weight 
_refine_ls_restr.pdbx_restraint_function 
_refine_ls_restr.pdbx_refine_id 
c_bond_d           ? 0.007  ? ? ? 'X-RAY DIFFRACTION' 
c_angle_deg        ? 1.100  ? ? ? 'X-RAY DIFFRACTION' 
c_dihedral_angle_d ? 18.600 ? ? ? 'X-RAY DIFFRACTION' 
c_improper_angle_d ? 1.730  ? ? ? 'X-RAY DIFFRACTION' 
c_mcbond_it        ? ?      ? ? ? 'X-RAY DIFFRACTION' 
c_mcangle_it       ? ?      ? ? ? 'X-RAY DIFFRACTION' 
c_scbond_it        ? ?      ? ? ? 'X-RAY DIFFRACTION' 
c_scangle_it       ? ?      ? ? ? 'X-RAY DIFFRACTION' 
# 
_refine_ls_shell.d_res_high                       1.7000 
_refine_ls_shell.d_res_low                        1.8100 
_refine_ls_shell.pdbx_total_number_of_bins_used   6 
_refine_ls_shell.percent_reflns_obs               78.2000 
_refine_ls_shell.number_reflns_R_work             724 
_refine_ls_shell.R_factor_all                     ? 
_refine_ls_shell.R_factor_R_work                  0.2660 
_refine_ls_shell.R_factor_R_free                  0.3090 
_refine_ls_shell.percent_reflns_R_free            11.9000 
_refine_ls_shell.number_reflns_R_free             98 
_refine_ls_shell.R_factor_R_free_error            0.0310 
_refine_ls_shell.number_reflns_all                822 
_refine_ls_shell.number_reflns_obs                ? 
_refine_ls_shell.redundancy_reflns_obs            ? 
_refine_ls_shell.pdbx_refine_id                   'X-RAY DIFFRACTION' 
# 
loop_
_pdbx_xplor_file.serial_no 
_pdbx_xplor_file.param_file 
_pdbx_xplor_file.topol_file 
_pdbx_xplor_file.pdbx_refine_id 
1 dna-rna_rep.param dna-rna.top 'X-RAY DIFFRACTION' 
2 ion.param         ?           'X-RAY DIFFRACTION' 
3 water_rep.param   ?           'X-RAY DIFFRACTION' 
# 
_struct.entry_id                  4GRE 
_struct.title                     'DNA holliday junction stabilized by iodine halogen bond. I2J Construct of related reference' 
_struct.pdbx_model_details        ? 
_struct.pdbx_CASP_flag            ? 
_struct.pdbx_model_type_details   ? 
# 
_struct_keywords.entry_id        4GRE 
_struct_keywords.text            'DNA Holliday junction, halogen bond, DNA' 
_struct_keywords.pdbx_keywords   DNA 
# 
loop_
_struct_asym.id 
_struct_asym.pdbx_blank_PDB_chainid_flag 
_struct_asym.pdbx_modified 
_struct_asym.entity_id 
_struct_asym.details 
A N N 1 ? 
B N N 2 ? 
C N N 3 ? 
D N N 3 ? 
# 
loop_
_struct_ref.id 
_struct_ref.db_name 
_struct_ref.db_code 
_struct_ref.pdbx_db_accession 
_struct_ref.entity_id 
_struct_ref.pdbx_align_begin 
_struct_ref.pdbx_seq_one_letter_code 
_struct_ref.pdbx_db_isoform 
1 PDB 4GRE 4GRE 1 ? CCGGTAXCGG ? 
2 PDB 4GRE 4GRE 2 ? CCGATACCGG ? 
# 
loop_
_struct_ref_seq.align_id 
_struct_ref_seq.ref_id 
_struct_ref_seq.pdbx_PDB_id_code 
_struct_ref_seq.pdbx_strand_id 
_struct_ref_seq.seq_align_beg 
_struct_ref_seq.pdbx_seq_align_beg_ins_code 
_struct_ref_seq.seq_align_end 
_struct_ref_seq.pdbx_seq_align_end_ins_code 
_struct_ref_seq.pdbx_db_accession 
_struct_ref_seq.db_align_beg 
_struct_ref_seq.pdbx_db_align_beg_ins_code 
_struct_ref_seq.db_align_end 
_struct_ref_seq.pdbx_db_align_end_ins_code 
_struct_ref_seq.pdbx_auth_seq_align_beg 
_struct_ref_seq.pdbx_auth_seq_align_end 
1 1 4GRE A 1 ? 10 ? 4GRE 1  ? 10 ? 1  10 
2 2 4GRE B 1 ? 10 ? 4GRE 11 ? 20 ? 11 20 
# 
_pdbx_struct_assembly.id                   1 
_pdbx_struct_assembly.details              author_defined_assembly 
_pdbx_struct_assembly.method_details       ? 
_pdbx_struct_assembly.oligomeric_details   tetrameric 
_pdbx_struct_assembly.oligomeric_count     4 
# 
loop_
_pdbx_struct_assembly_prop.biol_id 
_pdbx_struct_assembly_prop.type 
_pdbx_struct_assembly_prop.value 
_pdbx_struct_assembly_prop.details 
1 'ABSA (A^2)' 620  ? 
1 MORE         -3   ? 
1 'SSA (A^2)'  4210 ? 
# 
_pdbx_struct_assembly_gen.assembly_id       1 
_pdbx_struct_assembly_gen.oper_expression   1,2 
_pdbx_struct_assembly_gen.asym_id_list      A,B,C,D 
# 
loop_
_pdbx_struct_oper_list.id 
_pdbx_struct_oper_list.type 
_pdbx_struct_oper_list.name 
_pdbx_struct_oper_list.symmetry_operation 
_pdbx_struct_oper_list.matrix[1][1] 
_pdbx_struct_oper_list.matrix[1][2] 
_pdbx_struct_oper_list.matrix[1][3] 
_pdbx_struct_oper_list.vector[1] 
_pdbx_struct_oper_list.matrix[2][1] 
_pdbx_struct_oper_list.matrix[2][2] 
_pdbx_struct_oper_list.matrix[2][3] 
_pdbx_struct_oper_list.vector[2] 
_pdbx_struct_oper_list.matrix[3][1] 
_pdbx_struct_oper_list.matrix[3][2] 
_pdbx_struct_oper_list.matrix[3][3] 
_pdbx_struct_oper_list.vector[3] 
1 'identity operation'         1_555 x,y,z       1.0000000000  0.0000000000 0.0000000000 0.0000000000  0.0000000000 1.0000000000  0.0000000000 0.0000000000  0.0000000000 0.0000000000 1.0000000000 0.0000000000  
2 'crystal symmetry operation' 2_657 -x+1,y,-z+2 -0.2220614292 0.0293214966 0.9745916948 10.3772561739 0.0293214966 -0.9988948354 0.0367336036 -6.6513717704 0.9745916948 0.0367336036 0.2209562646 -8.0832205980 
# 
_struct_biol.id        1 
_struct_biol.details   ? 
# 
loop_
_struct_conn.id 
_struct_conn.conn_type_id 
_struct_conn.pdbx_leaving_atom_flag 
_struct_conn.pdbx_PDB_id 
_struct_conn.ptnr1_label_asym_id 
_struct_conn.ptnr1_label_comp_id 
_struct_conn.ptnr1_label_seq_id 
_struct_conn.ptnr1_label_atom_id 
_struct_conn.pdbx_ptnr1_label_alt_id 
_struct_conn.pdbx_ptnr1_PDB_ins_code 
_struct_conn.pdbx_ptnr1_standard_comp_id 
_struct_conn.ptnr1_symmetry 
_struct_conn.ptnr2_label_asym_id 
_struct_conn.ptnr2_label_comp_id 
_struct_conn.ptnr2_label_seq_id 
_struct_conn.ptnr2_label_atom_id 
_struct_conn.pdbx_ptnr2_label_alt_id 
_struct_conn.pdbx_ptnr2_PDB_ins_code 
_struct_conn.ptnr1_auth_asym_id 
_struct_conn.ptnr1_auth_comp_id 
_struct_conn.ptnr1_auth_seq_id 
_struct_conn.ptnr2_auth_asym_id 
_struct_conn.ptnr2_auth_comp_id 
_struct_conn.ptnr2_auth_seq_id 
_struct_conn.ptnr2_symmetry 
_struct_conn.pdbx_ptnr3_label_atom_id 
_struct_conn.pdbx_ptnr3_label_seq_id 
_struct_conn.pdbx_ptnr3_label_comp_id 
_struct_conn.pdbx_ptnr3_label_asym_id 
_struct_conn.pdbx_ptnr3_label_alt_id 
_struct_conn.pdbx_ptnr3_PDB_ins_code 
_struct_conn.details 
_struct_conn.pdbx_dist_value 
_struct_conn.pdbx_value_order 
_struct_conn.pdbx_role 
covale1  covale both ? A DA  6 "O3'" ? ? ? 1_555 A 5IU 7  P  ? ? A DA  6 A 5IU 7  1_555 ? ? ? ? ? ? ?            1.613 ? ? 
covale2  covale both ? A 5IU 7 "O3'" ? ? ? 1_555 A DC  8  P  ? ? A 5IU 7 A DC  8  1_555 ? ? ? ? ? ? ?            1.588 ? ? 
hydrog1  hydrog ?    ? A DC  1 N3    ? ? ? 1_555 B DG  10 N1 ? ? A DC  1 B DG  20 1_555 ? ? ? ? ? ? WATSON-CRICK ?     ? ? 
hydrog2  hydrog ?    ? A DC  1 N4    ? ? ? 1_555 B DG  10 O6 ? ? A DC  1 B DG  20 1_555 ? ? ? ? ? ? WATSON-CRICK ?     ? ? 
hydrog3  hydrog ?    ? A DC  1 O2    ? ? ? 1_555 B DG  10 N2 ? ? A DC  1 B DG  20 1_555 ? ? ? ? ? ? WATSON-CRICK ?     ? ? 
hydrog4  hydrog ?    ? A DC  2 N3    ? ? ? 1_555 B DG  9  N1 ? ? A DC  2 B DG  19 1_555 ? ? ? ? ? ? WATSON-CRICK ?     ? ? 
hydrog5  hydrog ?    ? A DC  2 N4    ? ? ? 1_555 B DG  9  O6 ? ? A DC  2 B DG  19 1_555 ? ? ? ? ? ? WATSON-CRICK ?     ? ? 
hydrog6  hydrog ?    ? A DC  2 O2    ? ? ? 1_555 B DG  9  N2 ? ? A DC  2 B DG  19 1_555 ? ? ? ? ? ? WATSON-CRICK ?     ? ? 
hydrog7  hydrog ?    ? A DG  3 N1    ? ? ? 1_555 B DC  8  N3 ? ? A DG  3 B DC  18 1_555 ? ? ? ? ? ? WATSON-CRICK ?     ? ? 
hydrog8  hydrog ?    ? A DG  3 N2    ? ? ? 1_555 B DC  8  O2 ? ? A DG  3 B DC  18 1_555 ? ? ? ? ? ? WATSON-CRICK ?     ? ? 
hydrog9  hydrog ?    ? A DG  3 O6    ? ? ? 1_555 B DC  8  N4 ? ? A DG  3 B DC  18 1_555 ? ? ? ? ? ? WATSON-CRICK ?     ? ? 
hydrog10 hydrog ?    ? A DG  4 N1    ? ? ? 1_555 B DC  7  N3 ? ? A DG  4 B DC  17 1_555 ? ? ? ? ? ? WATSON-CRICK ?     ? ? 
hydrog11 hydrog ?    ? A DG  4 N2    ? ? ? 1_555 B DC  7  O2 ? ? A DG  4 B DC  17 1_555 ? ? ? ? ? ? WATSON-CRICK ?     ? ? 
hydrog12 hydrog ?    ? A DG  4 O6    ? ? ? 1_555 B DC  7  N4 ? ? A DG  4 B DC  17 1_555 ? ? ? ? ? ? WATSON-CRICK ?     ? ? 
hydrog13 hydrog ?    ? A DT  5 N3    ? ? ? 1_555 B DA  6  N1 ? ? A DT  5 B DA  16 1_555 ? ? ? ? ? ? WATSON-CRICK ?     ? ? 
hydrog14 hydrog ?    ? A DT  5 O4    ? ? ? 1_555 B DA  6  N6 ? ? A DT  5 B DA  16 1_555 ? ? ? ? ? ? WATSON-CRICK ?     ? ? 
hydrog15 hydrog ?    ? A DA  6 N1    ? ? ? 1_555 B DT  5  N3 ? ? A DA  6 B DT  15 1_555 ? ? ? ? ? ? WATSON-CRICK ?     ? ? 
hydrog16 hydrog ?    ? A DA  6 N6    ? ? ? 1_555 B DT  5  O4 ? ? A DA  6 B DT  15 1_555 ? ? ? ? ? ? WATSON-CRICK ?     ? ? 
# 
loop_
_struct_conn_type.id 
_struct_conn_type.criteria 
_struct_conn_type.reference 
covale ? ? 
hydrog ? ? 
# 
loop_
_pdbx_validate_planes.id 
_pdbx_validate_planes.PDB_model_num 
_pdbx_validate_planes.auth_comp_id 
_pdbx_validate_planes.auth_asym_id 
_pdbx_validate_planes.auth_seq_id 
_pdbx_validate_planes.PDB_ins_code 
_pdbx_validate_planes.label_alt_id 
_pdbx_validate_planes.rmsd 
_pdbx_validate_planes.type 
1 1 DC A 8  ? ? 0.060 'SIDE CHAIN' 
2 1 DG B 13 ? ? 0.058 'SIDE CHAIN' 
# 
_pdbx_struct_mod_residue.id               1 
_pdbx_struct_mod_residue.label_asym_id    A 
_pdbx_struct_mod_residue.label_comp_id    5IU 
_pdbx_struct_mod_residue.label_seq_id     7 
_pdbx_struct_mod_residue.auth_asym_id     A 
_pdbx_struct_mod_residue.auth_comp_id     5IU 
_pdbx_struct_mod_residue.auth_seq_id      7 
_pdbx_struct_mod_residue.PDB_ins_code     ? 
_pdbx_struct_mod_residue.parent_comp_id   DU 
_pdbx_struct_mod_residue.details          "5-IODO-2'-DEOXYURIDINE-5'-MONOPHOSPHATE" 
# 
loop_
_pdbx_struct_special_symmetry.id 
_pdbx_struct_special_symmetry.PDB_model_num 
_pdbx_struct_special_symmetry.auth_asym_id 
_pdbx_struct_special_symmetry.auth_comp_id 
_pdbx_struct_special_symmetry.auth_seq_id 
_pdbx_struct_special_symmetry.PDB_ins_code 
_pdbx_struct_special_symmetry.label_asym_id 
_pdbx_struct_special_symmetry.label_comp_id 
_pdbx_struct_special_symmetry.label_seq_id 
1 1 A HOH 134 ? C HOH . 
2 1 B HOH 114 ? D HOH . 
3 1 B HOH 132 ? D HOH . 
# 
loop_
_chem_comp_atom.comp_id 
_chem_comp_atom.atom_id 
_chem_comp_atom.type_symbol 
_chem_comp_atom.pdbx_aromatic_flag 
_chem_comp_atom.pdbx_stereo_config 
_chem_comp_atom.pdbx_ordinal 
5IU N1     N N N 1   
5IU C2     C N N 2   
5IU N3     N N N 3   
5IU C4     C N N 4   
5IU C5     C N N 5   
5IU C6     C N N 6   
5IU O2     O N N 7   
5IU O4     O N N 8   
5IU I5     I N N 9   
5IU "C1'"  C N R 10  
5IU "C2'"  C N N 11  
5IU "C3'"  C N S 12  
5IU "C4'"  C N R 13  
5IU "O3'"  O N N 14  
5IU "O4'"  O N N 15  
5IU "C5'"  C N N 16  
5IU "O5'"  O N N 17  
5IU P      P N N 18  
5IU OP1    O N N 19  
5IU OP2    O N N 20  
5IU OP3    O N N 21  
5IU HN3    H N N 22  
5IU H6     H N N 23  
5IU "H1'"  H N N 24  
5IU "H2'"  H N N 25  
5IU "H2''" H N N 26  
5IU "H3'"  H N N 27  
5IU "H4'"  H N N 28  
5IU "HO3'" H N N 29  
5IU "H5'"  H N N 30  
5IU "H5''" H N N 31  
5IU HOP2   H N N 32  
5IU HOP3   H N N 33  
DA  OP3    O N N 34  
DA  P      P N N 35  
DA  OP1    O N N 36  
DA  OP2    O N N 37  
DA  "O5'"  O N N 38  
DA  "C5'"  C N N 39  
DA  "C4'"  C N R 40  
DA  "O4'"  O N N 41  
DA  "C3'"  C N S 42  
DA  "O3'"  O N N 43  
DA  "C2'"  C N N 44  
DA  "C1'"  C N R 45  
DA  N9     N Y N 46  
DA  C8     C Y N 47  
DA  N7     N Y N 48  
DA  C5     C Y N 49  
DA  C6     C Y N 50  
DA  N6     N N N 51  
DA  N1     N Y N 52  
DA  C2     C Y N 53  
DA  N3     N Y N 54  
DA  C4     C Y N 55  
DA  HOP3   H N N 56  
DA  HOP2   H N N 57  
DA  "H5'"  H N N 58  
DA  "H5''" H N N 59  
DA  "H4'"  H N N 60  
DA  "H3'"  H N N 61  
DA  "HO3'" H N N 62  
DA  "H2'"  H N N 63  
DA  "H2''" H N N 64  
DA  "H1'"  H N N 65  
DA  H8     H N N 66  
DA  H61    H N N 67  
DA  H62    H N N 68  
DA  H2     H N N 69  
DC  OP3    O N N 70  
DC  P      P N N 71  
DC  OP1    O N N 72  
DC  OP2    O N N 73  
DC  "O5'"  O N N 74  
DC  "C5'"  C N N 75  
DC  "C4'"  C N R 76  
DC  "O4'"  O N N 77  
DC  "C3'"  C N S 78  
DC  "O3'"  O N N 79  
DC  "C2'"  C N N 80  
DC  "C1'"  C N R 81  
DC  N1     N N N 82  
DC  C2     C N N 83  
DC  O2     O N N 84  
DC  N3     N N N 85  
DC  C4     C N N 86  
DC  N4     N N N 87  
DC  C5     C N N 88  
DC  C6     C N N 89  
DC  HOP3   H N N 90  
DC  HOP2   H N N 91  
DC  "H5'"  H N N 92  
DC  "H5''" H N N 93  
DC  "H4'"  H N N 94  
DC  "H3'"  H N N 95  
DC  "HO3'" H N N 96  
DC  "H2'"  H N N 97  
DC  "H2''" H N N 98  
DC  "H1'"  H N N 99  
DC  H41    H N N 100 
DC  H42    H N N 101 
DC  H5     H N N 102 
DC  H6     H N N 103 
DG  OP3    O N N 104 
DG  P      P N N 105 
DG  OP1    O N N 106 
DG  OP2    O N N 107 
DG  "O5'"  O N N 108 
DG  "C5'"  C N N 109 
DG  "C4'"  C N R 110 
DG  "O4'"  O N N 111 
DG  "C3'"  C N S 112 
DG  "O3'"  O N N 113 
DG  "C2'"  C N N 114 
DG  "C1'"  C N R 115 
DG  N9     N Y N 116 
DG  C8     C Y N 117 
DG  N7     N Y N 118 
DG  C5     C Y N 119 
DG  C6     C N N 120 
DG  O6     O N N 121 
DG  N1     N N N 122 
DG  C2     C N N 123 
DG  N2     N N N 124 
DG  N3     N N N 125 
DG  C4     C Y N 126 
DG  HOP3   H N N 127 
DG  HOP2   H N N 128 
DG  "H5'"  H N N 129 
DG  "H5''" H N N 130 
DG  "H4'"  H N N 131 
DG  "H3'"  H N N 132 
DG  "HO3'" H N N 133 
DG  "H2'"  H N N 134 
DG  "H2''" H N N 135 
DG  "H1'"  H N N 136 
DG  H8     H N N 137 
DG  H1     H N N 138 
DG  H21    H N N 139 
DG  H22    H N N 140 
DT  OP3    O N N 141 
DT  P      P N N 142 
DT  OP1    O N N 143 
DT  OP2    O N N 144 
DT  "O5'"  O N N 145 
DT  "C5'"  C N N 146 
DT  "C4'"  C N R 147 
DT  "O4'"  O N N 148 
DT  "C3'"  C N S 149 
DT  "O3'"  O N N 150 
DT  "C2'"  C N N 151 
DT  "C1'"  C N R 152 
DT  N1     N N N 153 
DT  C2     C N N 154 
DT  O2     O N N 155 
DT  N3     N N N 156 
DT  C4     C N N 157 
DT  O4     O N N 158 
DT  C5     C N N 159 
DT  C7     C N N 160 
DT  C6     C N N 161 
DT  HOP3   H N N 162 
DT  HOP2   H N N 163 
DT  "H5'"  H N N 164 
DT  "H5''" H N N 165 
DT  "H4'"  H N N 166 
DT  "H3'"  H N N 167 
DT  "HO3'" H N N 168 
DT  "H2'"  H N N 169 
DT  "H2''" H N N 170 
DT  "H1'"  H N N 171 
DT  H3     H N N 172 
DT  H71    H N N 173 
DT  H72    H N N 174 
DT  H73    H N N 175 
DT  H6     H N N 176 
HOH O      O N N 177 
HOH H1     H N N 178 
HOH H2     H N N 179 
# 
loop_
_chem_comp_bond.comp_id 
_chem_comp_bond.atom_id_1 
_chem_comp_bond.atom_id_2 
_chem_comp_bond.value_order 
_chem_comp_bond.pdbx_aromatic_flag 
_chem_comp_bond.pdbx_stereo_config 
_chem_comp_bond.pdbx_ordinal 
5IU N1    C2     sing N N 1   
5IU N1    C6     sing N N 2   
5IU N1    "C1'"  sing N N 3   
5IU C2    N3     sing N N 4   
5IU C2    O2     doub N N 5   
5IU N3    C4     sing N N 6   
5IU N3    HN3    sing N N 7   
5IU C4    C5     sing N N 8   
5IU C4    O4     doub N N 9   
5IU C5    C6     doub N N 10  
5IU C5    I5     sing N N 11  
5IU C6    H6     sing N N 12  
5IU "C1'" "C2'"  sing N N 13  
5IU "C1'" "O4'"  sing N N 14  
5IU "C1'" "H1'"  sing N N 15  
5IU "C2'" "C3'"  sing N N 16  
5IU "C2'" "H2'"  sing N N 17  
5IU "C2'" "H2''" sing N N 18  
5IU "C3'" "C4'"  sing N N 19  
5IU "C3'" "O3'"  sing N N 20  
5IU "C3'" "H3'"  sing N N 21  
5IU "C4'" "O4'"  sing N N 22  
5IU "C4'" "C5'"  sing N N 23  
5IU "C4'" "H4'"  sing N N 24  
5IU "O3'" "HO3'" sing N N 25  
5IU "C5'" "O5'"  sing N N 26  
5IU "C5'" "H5'"  sing N N 27  
5IU "C5'" "H5''" sing N N 28  
5IU "O5'" P      sing N N 29  
5IU P     OP1    doub N N 30  
5IU P     OP2    sing N N 31  
5IU P     OP3    sing N N 32  
5IU OP2   HOP2   sing N N 33  
5IU OP3   HOP3   sing N N 34  
DA  OP3   P      sing N N 35  
DA  OP3   HOP3   sing N N 36  
DA  P     OP1    doub N N 37  
DA  P     OP2    sing N N 38  
DA  P     "O5'"  sing N N 39  
DA  OP2   HOP2   sing N N 40  
DA  "O5'" "C5'"  sing N N 41  
DA  "C5'" "C4'"  sing N N 42  
DA  "C5'" "H5'"  sing N N 43  
DA  "C5'" "H5''" sing N N 44  
DA  "C4'" "O4'"  sing N N 45  
DA  "C4'" "C3'"  sing N N 46  
DA  "C4'" "H4'"  sing N N 47  
DA  "O4'" "C1'"  sing N N 48  
DA  "C3'" "O3'"  sing N N 49  
DA  "C3'" "C2'"  sing N N 50  
DA  "C3'" "H3'"  sing N N 51  
DA  "O3'" "HO3'" sing N N 52  
DA  "C2'" "C1'"  sing N N 53  
DA  "C2'" "H2'"  sing N N 54  
DA  "C2'" "H2''" sing N N 55  
DA  "C1'" N9     sing N N 56  
DA  "C1'" "H1'"  sing N N 57  
DA  N9    C8     sing Y N 58  
DA  N9    C4     sing Y N 59  
DA  C8    N7     doub Y N 60  
DA  C8    H8     sing N N 61  
DA  N7    C5     sing Y N 62  
DA  C5    C6     sing Y N 63  
DA  C5    C4     doub Y N 64  
DA  C6    N6     sing N N 65  
DA  C6    N1     doub Y N 66  
DA  N6    H61    sing N N 67  
DA  N6    H62    sing N N 68  
DA  N1    C2     sing Y N 69  
DA  C2    N3     doub Y N 70  
DA  C2    H2     sing N N 71  
DA  N3    C4     sing Y N 72  
DC  OP3   P      sing N N 73  
DC  OP3   HOP3   sing N N 74  
DC  P     OP1    doub N N 75  
DC  P     OP2    sing N N 76  
DC  P     "O5'"  sing N N 77  
DC  OP2   HOP2   sing N N 78  
DC  "O5'" "C5'"  sing N N 79  
DC  "C5'" "C4'"  sing N N 80  
DC  "C5'" "H5'"  sing N N 81  
DC  "C5'" "H5''" sing N N 82  
DC  "C4'" "O4'"  sing N N 83  
DC  "C4'" "C3'"  sing N N 84  
DC  "C4'" "H4'"  sing N N 85  
DC  "O4'" "C1'"  sing N N 86  
DC  "C3'" "O3'"  sing N N 87  
DC  "C3'" "C2'"  sing N N 88  
DC  "C3'" "H3'"  sing N N 89  
DC  "O3'" "HO3'" sing N N 90  
DC  "C2'" "C1'"  sing N N 91  
DC  "C2'" "H2'"  sing N N 92  
DC  "C2'" "H2''" sing N N 93  
DC  "C1'" N1     sing N N 94  
DC  "C1'" "H1'"  sing N N 95  
DC  N1    C2     sing N N 96  
DC  N1    C6     sing N N 97  
DC  C2    O2     doub N N 98  
DC  C2    N3     sing N N 99  
DC  N3    C4     doub N N 100 
DC  C4    N4     sing N N 101 
DC  C4    C5     sing N N 102 
DC  N4    H41    sing N N 103 
DC  N4    H42    sing N N 104 
DC  C5    C6     doub N N 105 
DC  C5    H5     sing N N 106 
DC  C6    H6     sing N N 107 
DG  OP3   P      sing N N 108 
DG  OP3   HOP3   sing N N 109 
DG  P     OP1    doub N N 110 
DG  P     OP2    sing N N 111 
DG  P     "O5'"  sing N N 112 
DG  OP2   HOP2   sing N N 113 
DG  "O5'" "C5'"  sing N N 114 
DG  "C5'" "C4'"  sing N N 115 
DG  "C5'" "H5'"  sing N N 116 
DG  "C5'" "H5''" sing N N 117 
DG  "C4'" "O4'"  sing N N 118 
DG  "C4'" "C3'"  sing N N 119 
DG  "C4'" "H4'"  sing N N 120 
DG  "O4'" "C1'"  sing N N 121 
DG  "C3'" "O3'"  sing N N 122 
DG  "C3'" "C2'"  sing N N 123 
DG  "C3'" "H3'"  sing N N 124 
DG  "O3'" "HO3'" sing N N 125 
DG  "C2'" "C1'"  sing N N 126 
DG  "C2'" "H2'"  sing N N 127 
DG  "C2'" "H2''" sing N N 128 
DG  "C1'" N9     sing N N 129 
DG  "C1'" "H1'"  sing N N 130 
DG  N9    C8     sing Y N 131 
DG  N9    C4     sing Y N 132 
DG  C8    N7     doub Y N 133 
DG  C8    H8     sing N N 134 
DG  N7    C5     sing Y N 135 
DG  C5    C6     sing N N 136 
DG  C5    C4     doub Y N 137 
DG  C6    O6     doub N N 138 
DG  C6    N1     sing N N 139 
DG  N1    C2     sing N N 140 
DG  N1    H1     sing N N 141 
DG  C2    N2     sing N N 142 
DG  C2    N3     doub N N 143 
DG  N2    H21    sing N N 144 
DG  N2    H22    sing N N 145 
DG  N3    C4     sing N N 146 
DT  OP3   P      sing N N 147 
DT  OP3   HOP3   sing N N 148 
DT  P     OP1    doub N N 149 
DT  P     OP2    sing N N 150 
DT  P     "O5'"  sing N N 151 
DT  OP2   HOP2   sing N N 152 
DT  "O5'" "C5'"  sing N N 153 
DT  "C5'" "C4'"  sing N N 154 
DT  "C5'" "H5'"  sing N N 155 
DT  "C5'" "H5''" sing N N 156 
DT  "C4'" "O4'"  sing N N 157 
DT  "C4'" "C3'"  sing N N 158 
DT  "C4'" "H4'"  sing N N 159 
DT  "O4'" "C1'"  sing N N 160 
DT  "C3'" "O3'"  sing N N 161 
DT  "C3'" "C2'"  sing N N 162 
DT  "C3'" "H3'"  sing N N 163 
DT  "O3'" "HO3'" sing N N 164 
DT  "C2'" "C1'"  sing N N 165 
DT  "C2'" "H2'"  sing N N 166 
DT  "C2'" "H2''" sing N N 167 
DT  "C1'" N1     sing N N 168 
DT  "C1'" "H1'"  sing N N 169 
DT  N1    C2     sing N N 170 
DT  N1    C6     sing N N 171 
DT  C2    O2     doub N N 172 
DT  C2    N3     sing N N 173 
DT  N3    C4     sing N N 174 
DT  N3    H3     sing N N 175 
DT  C4    O4     doub N N 176 
DT  C4    C5     sing N N 177 
DT  C5    C7     sing N N 178 
DT  C5    C6     doub N N 179 
DT  C7    H71    sing N N 180 
DT  C7    H72    sing N N 181 
DT  C7    H73    sing N N 182 
DT  C6    H6     sing N N 183 
HOH O     H1     sing N N 184 
HOH O     H2     sing N N 185 
# 
_ndb_struct_conf_na.entry_id   4GRE 
_ndb_struct_conf_na.feature    'b-form double helix' 
# 
loop_
_ndb_struct_na_base_pair.model_number 
_ndb_struct_na_base_pair.i_label_asym_id 
_ndb_struct_na_base_pair.i_label_comp_id 
_ndb_struct_na_base_pair.i_label_seq_id 
_ndb_struct_na_base_pair.i_symmetry 
_ndb_struct_na_base_pair.j_label_asym_id 
_ndb_struct_na_base_pair.j_label_comp_id 
_ndb_struct_na_base_pair.j_label_seq_id 
_ndb_struct_na_base_pair.j_symmetry 
_ndb_struct_na_base_pair.shear 
_ndb_struct_na_base_pair.stretch 
_ndb_struct_na_base_pair.stagger 
_ndb_struct_na_base_pair.buckle 
_ndb_struct_na_base_pair.propeller 
_ndb_struct_na_base_pair.opening 
_ndb_struct_na_base_pair.pair_number 
_ndb_struct_na_base_pair.pair_name 
_ndb_struct_na_base_pair.i_auth_asym_id 
_ndb_struct_na_base_pair.i_auth_seq_id 
_ndb_struct_na_base_pair.i_PDB_ins_code 
_ndb_struct_na_base_pair.j_auth_asym_id 
_ndb_struct_na_base_pair.j_auth_seq_id 
_ndb_struct_na_base_pair.j_PDB_ins_code 
_ndb_struct_na_base_pair.hbond_type_28 
_ndb_struct_na_base_pair.hbond_type_12 
1 A DC 1 1_555 B DG 10 1_555 1.021  -0.123 0.202  -0.400  -18.100 4.626  1 A_DC1:DG20_B A 1 ? B 20 ? 19 1 
1 A DC 2 1_555 B DG 9  1_555 0.230  -0.133 -0.114 -2.925  -11.469 0.097  2 A_DC2:DG19_B A 2 ? B 19 ? 19 1 
1 A DG 3 1_555 B DC 8  1_555 -0.521 -0.210 0.291  5.781   -2.075  3.764  3 A_DG3:DC18_B A 3 ? B 18 ? 19 1 
1 A DG 4 1_555 B DC 7  1_555 -0.691 -0.146 -0.422 -7.594  -28.057 -2.014 4 A_DG4:DC17_B A 4 ? B 17 ? 19 1 
1 A DT 5 1_555 B DA 6  1_555 -0.205 -0.287 -0.273 -15.311 -19.717 0.284  5 A_DT5:DA16_B A 5 ? B 16 ? 20 1 
1 A DA 6 1_555 B DT 5  1_555 0.133  -0.143 -0.163 -1.557  -11.778 1.164  6 A_DA6:DT15_B A 6 ? B 15 ? 20 1 
# 
loop_
_ndb_struct_na_base_pair_step.model_number 
_ndb_struct_na_base_pair_step.i_label_asym_id_1 
_ndb_struct_na_base_pair_step.i_label_comp_id_1 
_ndb_struct_na_base_pair_step.i_label_seq_id_1 
_ndb_struct_na_base_pair_step.i_symmetry_1 
_ndb_struct_na_base_pair_step.j_label_asym_id_1 
_ndb_struct_na_base_pair_step.j_label_comp_id_1 
_ndb_struct_na_base_pair_step.j_label_seq_id_1 
_ndb_struct_na_base_pair_step.j_symmetry_1 
_ndb_struct_na_base_pair_step.i_label_asym_id_2 
_ndb_struct_na_base_pair_step.i_label_comp_id_2 
_ndb_struct_na_base_pair_step.i_label_seq_id_2 
_ndb_struct_na_base_pair_step.i_symmetry_2 
_ndb_struct_na_base_pair_step.j_label_asym_id_2 
_ndb_struct_na_base_pair_step.j_label_comp_id_2 
_ndb_struct_na_base_pair_step.j_label_seq_id_2 
_ndb_struct_na_base_pair_step.j_symmetry_2 
_ndb_struct_na_base_pair_step.shift 
_ndb_struct_na_base_pair_step.slide 
_ndb_struct_na_base_pair_step.rise 
_ndb_struct_na_base_pair_step.tilt 
_ndb_struct_na_base_pair_step.roll 
_ndb_struct_na_base_pair_step.twist 
_ndb_struct_na_base_pair_step.x_displacement 
_ndb_struct_na_base_pair_step.y_displacement 
_ndb_struct_na_base_pair_step.helical_rise 
_ndb_struct_na_base_pair_step.inclination 
_ndb_struct_na_base_pair_step.tip 
_ndb_struct_na_base_pair_step.helical_twist 
_ndb_struct_na_base_pair_step.step_number 
_ndb_struct_na_base_pair_step.step_name 
_ndb_struct_na_base_pair_step.i_auth_asym_id_1 
_ndb_struct_na_base_pair_step.i_auth_seq_id_1 
_ndb_struct_na_base_pair_step.i_PDB_ins_code_1 
_ndb_struct_na_base_pair_step.j_auth_asym_id_1 
_ndb_struct_na_base_pair_step.j_auth_seq_id_1 
_ndb_struct_na_base_pair_step.j_PDB_ins_code_1 
_ndb_struct_na_base_pair_step.i_auth_asym_id_2 
_ndb_struct_na_base_pair_step.i_auth_seq_id_2 
_ndb_struct_na_base_pair_step.i_PDB_ins_code_2 
_ndb_struct_na_base_pair_step.j_auth_asym_id_2 
_ndb_struct_na_base_pair_step.j_auth_seq_id_2 
_ndb_struct_na_base_pair_step.j_PDB_ins_code_2 
1 A DC 1 1_555 B DG 10 1_555 A DC 2 1_555 B DG 9 1_555 0.348  2.448 3.378 9.558  7.093  38.658 2.658 0.693  3.732 10.417 -14.038 
40.382 1 AA_DC1DC2:DG19DG20_BB A 1 ? B 20 ? A 2 ? B 19 ? 
1 A DC 2 1_555 B DG 9  1_555 A DG 3 1_555 B DC 8 1_555 0.350  2.730 2.979 -3.907 -4.663 34.763 5.094 -1.071 2.550 -7.730 6.477   
35.275 2 AA_DC2DG3:DC18DG19_BB A 2 ? B 19 ? A 3 ? B 18 ? 
1 A DG 3 1_555 B DC 8  1_555 A DG 4 1_555 B DC 7 1_555 -0.974 1.273 3.883 1.219  9.644  37.357 0.458 1.661  4.044 14.753 -1.865  
38.558 3 AA_DG3DG4:DC17DC18_BB A 3 ? B 18 ? A 4 ? B 17 ? 
1 A DG 4 1_555 B DC 7  1_555 A DT 5 1_555 B DA 6 1_555 0.188  0.294 3.379 -0.045 1.233  38.125 0.289 -0.294 3.386 1.887  0.069   
38.145 4 AA_DG4DT5:DA16DC17_BB A 4 ? B 17 ? A 5 ? B 16 ? 
1 A DT 5 1_555 B DA 6  1_555 A DA 6 1_555 B DT 5 1_555 -0.091 1.711 3.037 -2.497 5.960  38.872 1.855 -0.152 3.253 8.881  3.720   
39.385 5 AA_DT5DA6:DT15DA16_BB A 5 ? B 16 ? A 6 ? B 15 ? 
# 
_atom_sites.entry_id                    4GRE 
_atom_sites.fract_transf_matrix[1][1]   0.00083380 
_atom_sites.fract_transf_matrix[1][2]   0.01649465 
_atom_sites.fract_transf_matrix[1][3]   -0.00116181 
_atom_sites.fract_transf_matrix[2][1]   0.02517585 
_atom_sites.fract_transf_matrix[2][2]   0.00094891 
_atom_sites.fract_transf_matrix[2][3]   0.03153999 
_atom_sites.fract_transf_matrix[3][1]   0.02126712 
_atom_sites.fract_transf_matrix[3][2]   0.00827093 
_atom_sites.fract_transf_matrix[3][3]   -0.01722468 
_atom_sites.fract_transf_vector[1]      0.545826 
_atom_sites.fract_transf_vector[2]      0.514808 
_atom_sites.fract_transf_vector[3]      0.847533 
# 
loop_
_atom_type.symbol 
C 
I 
N 
O 
P 
# 
loop_
_atom_site.group_PDB 
_atom_site.id 
_atom_site.type_symbol 
_atom_site.label_atom_id 
_atom_site.label_alt_id 
_atom_site.label_comp_id 
_atom_site.label_asym_id 
_atom_site.label_entity_id 
_atom_site.label_seq_id 
_atom_site.pdbx_PDB_ins_code 
_atom_site.Cartn_x 
_atom_site.Cartn_y 
_atom_site.Cartn_z 
_atom_site.occupancy 
_atom_site.B_iso_or_equiv 
_atom_site.pdbx_formal_charge 
_atom_site.auth_seq_id 
_atom_site.auth_comp_id 
_atom_site.auth_asym_id 
_atom_site.auth_atom_id 
_atom_site.pdbx_PDB_model_num 
ATOM   1   O "O5'" . DC  A 1 1  ? -12.468 8.380   5.564   1.00 15.26 ? 1   DC  A "O5'" 1 
ATOM   2   C "C5'" . DC  A 1 1  ? -13.662 9.120   5.240   1.00 12.04 ? 1   DC  A "C5'" 1 
ATOM   3   C "C4'" . DC  A 1 1  ? -13.711 9.775   3.876   1.00 12.83 ? 1   DC  A "C4'" 1 
ATOM   4   O "O4'" . DC  A 1 1  ? -12.647 10.740  3.706   1.00 11.20 ? 1   DC  A "O4'" 1 
ATOM   5   C "C3'" . DC  A 1 1  ? -13.605 8.814   2.694   1.00 12.52 ? 1   DC  A "C3'" 1 
ATOM   6   O "O3'" . DC  A 1 1  ? -14.518 9.212   1.671   1.00 17.01 ? 1   DC  A "O3'" 1 
ATOM   7   C "C2'" . DC  A 1 1  ? -12.171 8.975   2.228   1.00 13.23 ? 1   DC  A "C2'" 1 
ATOM   8   C "C1'" . DC  A 1 1  ? -11.924 10.438  2.516   1.00 11.02 ? 1   DC  A "C1'" 1 
ATOM   9   N N1    . DC  A 1 1  ? -10.518 10.807  2.719   1.00 11.87 ? 1   DC  A N1    1 
ATOM   10  C C2    . DC  A 1 1  ? -9.741  11.053  1.587   1.00 11.41 ? 1   DC  A C2    1 
ATOM   11  O O2    . DC  A 1 1  ? -10.242 10.844  0.471   1.00 13.12 ? 1   DC  A O2    1 
ATOM   12  N N3    . DC  A 1 1  ? -8.472  11.499  1.739   1.00 13.64 ? 1   DC  A N3    1 
ATOM   13  C C4    . DC  A 1 1  ? -7.968  11.661  2.963   1.00 12.89 ? 1   DC  A C4    1 
ATOM   14  N N4    . DC  A 1 1  ? -6.728  12.130  3.067   1.00 17.19 ? 1   DC  A N4    1 
ATOM   15  C C5    . DC  A 1 1  ? -8.717  11.359  4.135   1.00 13.49 ? 1   DC  A C5    1 
ATOM   16  C C6    . DC  A 1 1  ? -9.981  10.942  3.969   1.00 12.60 ? 1   DC  A C6    1 
ATOM   17  P P     . DC  A 1 2  ? -15.736 8.247   1.299   1.00 19.78 ? 2   DC  A P     1 
ATOM   18  O OP1   . DC  A 1 2  ? -16.590 8.877   0.262   1.00 18.14 ? 2   DC  A OP1   1 
ATOM   19  O OP2   . DC  A 1 2  ? -16.332 7.835   2.605   1.00 18.17 ? 2   DC  A OP2   1 
ATOM   20  O "O5'" . DC  A 1 2  ? -15.032 6.951   0.694   1.00 17.03 ? 2   DC  A "O5'" 1 
ATOM   21  C "C5'" . DC  A 1 2  ? -14.569 6.925   -0.641  1.00 18.46 ? 2   DC  A "C5'" 1 
ATOM   22  C "C4'" . DC  A 1 2  ? -13.556 5.819   -0.805  1.00 19.15 ? 2   DC  A "C4'" 1 
ATOM   23  O "O4'" . DC  A 1 2  ? -12.296 6.211   -0.206  1.00 17.71 ? 2   DC  A "O4'" 1 
ATOM   24  C "C3'" . DC  A 1 2  ? -13.949 4.498   -0.134  1.00 19.92 ? 2   DC  A "C3'" 1 
ATOM   25  O "O3'" . DC  A 1 2  ? -13.576 3.418   -0.968  1.00 23.66 ? 2   DC  A "O3'" 1 
ATOM   26  C "C2'" . DC  A 1 2  ? -13.074 4.449   1.103   1.00 17.64 ? 2   DC  A "C2'" 1 
ATOM   27  C "C1'" . DC  A 1 2  ? -11.823 5.131   0.591   1.00 17.14 ? 2   DC  A "C1'" 1 
ATOM   28  N N1    . DC  A 1 2  ? -10.899 5.681   1.592   1.00 13.89 ? 2   DC  A N1    1 
ATOM   29  C C2    . DC  A 1 2  ? -9.804  6.403   1.139   1.00 13.59 ? 2   DC  A C2    1 
ATOM   30  O O2    . DC  A 1 2  ? -9.606  6.472   -0.072  1.00 11.14 ? 2   DC  A O2    1 
ATOM   31  N N3    . DC  A 1 2  ? -8.982  7.002   2.035   1.00 13.84 ? 2   DC  A N3    1 
ATOM   32  C C4    . DC  A 1 2  ? -9.224  6.877   3.340   1.00 15.80 ? 2   DC  A C4    1 
ATOM   33  N N4    . DC  A 1 2  ? -8.416  7.512   4.193   1.00 15.38 ? 2   DC  A N4    1 
ATOM   34  C C5    . DC  A 1 2  ? -10.312 6.098   3.831   1.00 14.50 ? 2   DC  A C5    1 
ATOM   35  C C6    . DC  A 1 2  ? -11.113 5.520   2.927   1.00 15.79 ? 2   DC  A C6    1 
ATOM   36  P P     . DG  A 1 3  ? -14.685 2.374   -1.462  1.00 26.52 ? 3   DG  A P     1 
ATOM   37  O OP1   . DG  A 1 3  ? -15.827 3.195   -1.956  1.00 27.29 ? 3   DG  A OP1   1 
ATOM   38  O OP2   . DG  A 1 3  ? -14.910 1.356   -0.396  1.00 24.65 ? 3   DG  A OP2   1 
ATOM   39  O "O5'" . DG  A 1 3  ? -13.976 1.693   -2.723  1.00 26.64 ? 3   DG  A "O5'" 1 
ATOM   40  C "C5'" . DG  A 1 3  ? -13.572 2.488   -3.839  1.00 24.26 ? 3   DG  A "C5'" 1 
ATOM   41  C "C4'" . DG  A 1 3  ? -12.093 2.328   -4.117  1.00 24.69 ? 3   DG  A "C4'" 1 
ATOM   42  O "O4'" . DG  A 1 3  ? -11.282 2.852   -3.034  1.00 23.35 ? 3   DG  A "O4'" 1 
ATOM   43  C "C3'" . DG  A 1 3  ? -11.606 0.901   -4.362  1.00 25.42 ? 3   DG  A "C3'" 1 
ATOM   44  O "O3'" . DG  A 1 3  ? -10.699 0.909   -5.460  1.00 26.81 ? 3   DG  A "O3'" 1 
ATOM   45  C "C2'" . DG  A 1 3  ? -10.866 0.545   -3.084  1.00 23.38 ? 3   DG  A "C2'" 1 
ATOM   46  C "C1'" . DG  A 1 3  ? -10.319 1.889   -2.631  1.00 20.13 ? 3   DG  A "C1'" 1 
ATOM   47  N N9    . DG  A 1 3  ? -10.116 2.029   -1.188  1.00 16.57 ? 3   DG  A N9    1 
ATOM   48  C C8    . DG  A 1 3  ? -10.858 1.471   -0.182  1.00 15.72 ? 3   DG  A C8    1 
ATOM   49  N N7    . DG  A 1 3  ? -10.441 1.805   1.009   1.00 16.71 ? 3   DG  A N7    1 
ATOM   50  C C5    . DG  A 1 3  ? -9.359  2.641   0.776   1.00 15.15 ? 3   DG  A C5    1 
ATOM   51  C C6    . DG  A 1 3  ? -8.506  3.342   1.691   1.00 13.57 ? 3   DG  A C6    1 
ATOM   52  O O6    . DG  A 1 3  ? -8.572  3.395   2.945   1.00 14.49 ? 3   DG  A O6    1 
ATOM   53  N N1    . DG  A 1 3  ? -7.514  4.042   1.013   1.00 12.85 ? 3   DG  A N1    1 
ATOM   54  C C2    . DG  A 1 3  ? -7.384  4.093   -0.356  1.00 12.81 ? 3   DG  A C2    1 
ATOM   55  N N2    . DG  A 1 3  ? -6.373  4.819   -0.845  1.00 14.32 ? 3   DG  A N2    1 
ATOM   56  N N3    . DG  A 1 3  ? -8.186  3.480   -1.201  1.00 10.56 ? 3   DG  A N3    1 
ATOM   57  C C4    . DG  A 1 3  ? -9.136  2.774   -0.576  1.00 15.64 ? 3   DG  A C4    1 
ATOM   58  P P     . DG  A 1 4  ? -10.449 -0.436  -6.293  1.00 29.33 ? 4   DG  A P     1 
ATOM   59  O OP1   . DG  A 1 4  ? -11.360 -0.414  -7.470  1.00 30.56 ? 4   DG  A OP1   1 
ATOM   60  O OP2   . DG  A 1 4  ? -10.479 -1.594  -5.366  1.00 29.55 ? 4   DG  A OP2   1 
ATOM   61  O "O5'" . DG  A 1 4  ? -8.964  -0.220  -6.809  1.00 27.82 ? 4   DG  A "O5'" 1 
ATOM   62  C "C5'" . DG  A 1 4  ? -8.604  1.012   -7.431  1.00 24.49 ? 4   DG  A "C5'" 1 
ATOM   63  C "C4'" . DG  A 1 4  ? -7.174  1.363   -7.106  1.00 23.74 ? 4   DG  A "C4'" 1 
ATOM   64  O "O4'" . DG  A 1 4  ? -7.053  1.584   -5.682  1.00 22.50 ? 4   DG  A "O4'" 1 
ATOM   65  C "C3'" . DG  A 1 4  ? -6.165  0.268   -7.452  1.00 24.44 ? 4   DG  A "C3'" 1 
ATOM   66  O "O3'" . DG  A 1 4  ? -4.971  0.850   -7.983  1.00 24.29 ? 4   DG  A "O3'" 1 
ATOM   67  C "C2'" . DG  A 1 4  ? -5.902  -0.410  -6.119  1.00 21.68 ? 4   DG  A "C2'" 1 
ATOM   68  C "C1'" . DG  A 1 4  ? -6.057  0.736   -5.139  1.00 20.23 ? 4   DG  A "C1'" 1 
ATOM   69  N N9    . DG  A 1 4  ? -6.502  0.325   -3.818  1.00 16.99 ? 4   DG  A N9    1 
ATOM   70  C C8    . DG  A 1 4  ? -7.533  -0.528  -3.513  1.00 15.95 ? 4   DG  A C8    1 
ATOM   71  N N7    . DG  A 1 4  ? -7.695  -0.696  -2.228  1.00 15.28 ? 4   DG  A N7    1 
ATOM   72  C C5    . DG  A 1 4  ? -6.706  0.096   -1.654  1.00 14.52 ? 4   DG  A C5    1 
ATOM   73  C C6    . DG  A 1 4  ? -6.392  0.331   -0.290  1.00 12.23 ? 4   DG  A C6    1 
ATOM   74  O O6    . DG  A 1 4  ? -6.953  -0.105  0.714   1.00 16.03 ? 4   DG  A O6    1 
ATOM   75  N N1    . DG  A 1 4  ? -5.313  1.185   -0.161  1.00 15.24 ? 4   DG  A N1    1 
ATOM   76  C C2    . DG  A 1 4  ? -4.623  1.755   -1.206  1.00 13.35 ? 4   DG  A C2    1 
ATOM   77  N N2    . DG  A 1 4  ? -3.584  2.530   -0.877  1.00 14.26 ? 4   DG  A N2    1 
ATOM   78  N N3    . DG  A 1 4  ? -4.923  1.567   -2.476  1.00 13.84 ? 4   DG  A N3    1 
ATOM   79  C C4    . DG  A 1 4  ? -5.963  0.727   -2.624  1.00 14.24 ? 4   DG  A C4    1 
ATOM   80  P P     . DT  A 1 5  ? -3.738  -0.094  -8.390  1.00 26.33 ? 5   DT  A P     1 
ATOM   81  O OP1   . DT  A 1 5  ? -3.037  0.576   -9.517  1.00 24.14 ? 5   DT  A OP1   1 
ATOM   82  O OP2   . DT  A 1 5  ? -4.207  -1.505  -8.528  1.00 24.09 ? 5   DT  A OP2   1 
ATOM   83  O "O5'" . DT  A 1 5  ? -2.797  0.012   -7.115  1.00 22.75 ? 5   DT  A "O5'" 1 
ATOM   84  C "C5'" . DT  A 1 5  ? -2.451  1.289   -6.610  1.00 19.41 ? 5   DT  A "C5'" 1 
ATOM   85  C "C4'" . DT  A 1 5  ? -1.557  1.147   -5.408  1.00 18.27 ? 5   DT  A "C4'" 1 
ATOM   86  O "O4'" . DT  A 1 5  ? -2.327  0.694   -4.272  1.00 16.01 ? 5   DT  A "O4'" 1 
ATOM   87  C "C3'" . DT  A 1 5  ? -0.445  0.125   -5.618  1.00 17.16 ? 5   DT  A "C3'" 1 
ATOM   88  O "O3'" . DT  A 1 5  ? 0.814   0.732   -5.335  1.00 17.67 ? 5   DT  A "O3'" 1 
ATOM   89  C "C2'" . DT  A 1 5  ? -0.815  -1.039  -4.698  1.00 15.01 ? 5   DT  A "C2'" 1 
ATOM   90  C "C1'" . DT  A 1 5  ? -1.656  -0.377  -3.620  1.00 13.99 ? 5   DT  A "C1'" 1 
ATOM   91  N N1    . DT  A 1 5  ? -2.688  -1.221  -2.957  1.00 11.32 ? 5   DT  A N1    1 
ATOM   92  C C2    . DT  A 1 5  ? -2.757  -1.196  -1.581  1.00 7.05  ? 5   DT  A C2    1 
ATOM   93  O O2    . DT  A 1 5  ? -1.999  -0.561  -0.887  1.00 11.18 ? 5   DT  A O2    1 
ATOM   94  N N3    . DT  A 1 5  ? -3.758  -1.948  -1.036  1.00 10.09 ? 5   DT  A N3    1 
ATOM   95  C C4    . DT  A 1 5  ? -4.679  -2.710  -1.703  1.00 10.94 ? 5   DT  A C4    1 
ATOM   96  O O4    . DT  A 1 5  ? -5.531  -3.321  -1.069  1.00 10.25 ? 5   DT  A O4    1 
ATOM   97  C C5    . DT  A 1 5  ? -4.549  -2.716  -3.147  1.00 11.86 ? 5   DT  A C5    1 
ATOM   98  C C7    . DT  A 1 5  ? -5.523  -3.523  -3.954  1.00 14.04 ? 5   DT  A C7    1 
ATOM   99  C C6    . DT  A 1 5  ? -3.566  -1.987  -3.696  1.00 12.14 ? 5   DT  A C6    1 
ATOM   100 P P     . DA  A 1 6  ? 2.161   0.029   -5.855  1.00 16.95 ? 6   DA  A P     1 
ATOM   101 O OP1   . DA  A 1 6  ? 3.065   1.084   -6.370  1.00 13.60 ? 6   DA  A OP1   1 
ATOM   102 O OP2   . DA  A 1 6  ? 1.754   -1.095  -6.728  1.00 20.37 ? 6   DA  A OP2   1 
ATOM   103 O "O5'" . DA  A 1 6  ? 2.772   -0.510  -4.496  1.00 15.74 ? 6   DA  A "O5'" 1 
ATOM   104 C "C5'" . DA  A 1 6  ? 3.152   0.422   -3.499  1.00 13.17 ? 6   DA  A "C5'" 1 
ATOM   105 C "C4'" . DA  A 1 6  ? 3.622   -0.294  -2.262  1.00 11.42 ? 6   DA  A "C4'" 1 
ATOM   106 O "O4'" . DA  A 1 6  ? 2.513   -1.022  -1.704  1.00 12.47 ? 6   DA  A "O4'" 1 
ATOM   107 C "C3'" . DA  A 1 6  ? 4.721   -1.318  -2.544  1.00 9.40  ? 6   DA  A "C3'" 1 
ATOM   108 O "O3'" . DA  A 1 6  ? 5.675   -1.315  -1.482  1.00 10.60 ? 6   DA  A "O3'" 1 
ATOM   109 C "C2'" . DA  A 1 6  ? 3.971   -2.641  -2.586  1.00 10.08 ? 6   DA  A "C2'" 1 
ATOM   110 C "C1'" . DA  A 1 6  ? 2.830   -2.405  -1.611  1.00 8.71  ? 6   DA  A "C1'" 1 
ATOM   111 N N9    . DA  A 1 6  ? 1.605   -3.139  -1.906  1.00 4.38  ? 6   DA  A N9    1 
ATOM   112 C C8    . DA  A 1 6  ? 1.193   -3.567  -3.127  1.00 6.42  ? 6   DA  A C8    1 
ATOM   113 N N7    . DA  A 1 6  ? 0.036   -4.166  -3.111  1.00 1.33  ? 6   DA  A N7    1 
ATOM   114 C C5    . DA  A 1 6  ? -0.346  -4.141  -1.779  1.00 4.40  ? 6   DA  A C5    1 
ATOM   115 C C6    . DA  A 1 6  ? -1.483  -4.640  -1.115  1.00 3.29  ? 6   DA  A C6    1 
ATOM   116 N N6    . DA  A 1 6  ? -2.483  -5.276  -1.744  1.00 6.40  ? 6   DA  A N6    1 
ATOM   117 N N1    . DA  A 1 6  ? -1.557  -4.475  0.225   1.00 1.35  ? 6   DA  A N1    1 
ATOM   118 C C2    . DA  A 1 6  ? -0.536  -3.846  0.839   1.00 2.80  ? 6   DA  A C2    1 
ATOM   119 N N3    . DA  A 1 6  ? 0.583   -3.328  0.311   1.00 2.91  ? 6   DA  A N3    1 
ATOM   120 C C4    . DA  A 1 6  ? 0.613   -3.515  -1.019  1.00 4.73  ? 6   DA  A C4    1 
HETATM 121 N N1    . 5IU A 1 7  ? 10.108  -0.683  -5.399  1.00 8.77  ? 7   5IU A N1    1 
HETATM 122 C C2    . 5IU A 1 7  ? 10.884  -0.179  -6.424  1.00 8.11  ? 7   5IU A C2    1 
HETATM 123 N N3    . 5IU A 1 7  ? 10.170  0.407   -7.447  1.00 8.98  ? 7   5IU A N3    1 
HETATM 124 C C4    . 5IU A 1 7  ? 8.795   0.533   -7.523  1.00 4.94  ? 7   5IU A C4    1 
HETATM 125 C C5    . 5IU A 1 7  ? 8.079   0.024   -6.388  1.00 6.68  ? 7   5IU A C5    1 
HETATM 126 C C6    . 5IU A 1 7  ? 8.745   -0.551  -5.406  1.00 7.01  ? 7   5IU A C6    1 
HETATM 127 O O2    . 5IU A 1 7  ? 12.099  -0.243  -6.434  1.00 10.39 ? 7   5IU A O2    1 
HETATM 128 O O4    . 5IU A 1 7  ? 8.297   0.829   -8.595  1.00 7.85  ? 7   5IU A O4    1 
HETATM 129 I I5    . 5IU A 1 7  ? 5.961   0.268   -6.349  1.00 12.76 ? 7   5IU A I5    1 
HETATM 130 C "C1'" . 5IU A 1 7  ? 10.767  -1.396  -4.297  1.00 9.24  ? 7   5IU A "C1'" 1 
HETATM 131 C "C2'" . 5IU A 1 7  ? 11.058  -0.515  -3.093  1.00 8.72  ? 7   5IU A "C2'" 1 
HETATM 132 C "C3'" . 5IU A 1 7  ? 10.970  -1.514  -1.954  1.00 10.62 ? 7   5IU A "C3'" 1 
HETATM 133 C "C4'" . 5IU A 1 7  ? 9.868   -2.468  -2.397  1.00 8.84  ? 7   5IU A "C4'" 1 
HETATM 134 O "O3'" . 5IU A 1 7  ? 12.168  -2.245  -1.893  1.00 10.46 ? 7   5IU A "O3'" 1 
HETATM 135 O "O4'" . 5IU A 1 7  ? 9.854   -2.395  -3.839  1.00 7.35  ? 7   5IU A "O4'" 1 
HETATM 136 C "C5'" . 5IU A 1 7  ? 8.505   -2.186  -1.805  1.00 12.35 ? 7   5IU A "C5'" 1 
HETATM 137 O "O5'" . 5IU A 1 7  ? 8.127   -0.857  -2.077  1.00 10.90 ? 7   5IU A "O5'" 1 
HETATM 138 P P     . 5IU A 1 7  ? 6.830   -0.190  -1.426  1.00 11.69 ? 7   5IU A P     1 
HETATM 139 O OP1   . 5IU A 1 7  ? 7.045   0.054   0.017   1.00 12.00 ? 7   5IU A OP1   1 
HETATM 140 O OP2   . 5IU A 1 7  ? 6.501   0.945   -2.339  1.00 8.33  ? 7   5IU A OP2   1 
ATOM   141 P P     . DC  A 1 8  ? 13.086  -2.137  -0.602  1.00 13.37 ? 8   DC  A P     1 
ATOM   142 O OP1   . DC  A 1 8  ? 14.081  -3.238  -0.769  1.00 15.74 ? 8   DC  A OP1   1 
ATOM   143 O OP2   . DC  A 1 8  ? 12.153  -2.135  0.538   1.00 16.63 ? 8   DC  A OP2   1 
ATOM   144 O "O5'" . DC  A 1 8  ? 13.780  -0.705  -0.669  1.00 14.62 ? 8   DC  A "O5'" 1 
ATOM   145 C "C5'" . DC  A 1 8  ? 14.880  -0.432  -1.520  1.00 12.60 ? 8   DC  A "C5'" 1 
ATOM   146 C "C4'" . DC  A 1 8  ? 15.100  1.060   -1.580  1.00 17.12 ? 8   DC  A "C4'" 1 
ATOM   147 O "O4'" . DC  A 1 8  ? 14.074  1.673   -2.395  1.00 14.97 ? 8   DC  A "O4'" 1 
ATOM   148 C "C3'" . DC  A 1 8  ? 15.004  1.745   -0.212  1.00 18.09 ? 8   DC  A "C3'" 1 
ATOM   149 O "O3'" . DC  A 1 8  ? 15.923  2.832   -0.146  1.00 22.30 ? 8   DC  A "O3'" 1 
ATOM   150 C "C2'" . DC  A 1 8  ? 13.588  2.282   -0.192  1.00 15.72 ? 8   DC  A "C2'" 1 
ATOM   151 C "C1'" . DC  A 1 8  ? 13.411  2.683   -1.640  1.00 15.19 ? 8   DC  A "C1'" 1 
ATOM   152 N N1    . DC  A 1 8  ? 12.037  2.742   -2.136  1.00 11.88 ? 8   DC  A N1    1 
ATOM   153 C C2    . DC  A 1 8  ? 11.862  3.120   -3.450  1.00 10.46 ? 8   DC  A C2    1 
ATOM   154 O O2    . DC  A 1 8  ? 12.841  3.495   -4.059  1.00 7.61  ? 8   DC  A O2    1 
ATOM   155 N N3    . DC  A 1 8  ? 10.632  3.062   -4.011  1.00 8.33  ? 8   DC  A N3    1 
ATOM   156 C C4    . DC  A 1 8  ? 9.586   2.659   -3.269  1.00 12.04 ? 8   DC  A C4    1 
ATOM   157 N N4    . DC  A 1 8  ? 8.391   2.549   -3.854  1.00 7.50  ? 8   DC  A N4    1 
ATOM   158 C C5    . DC  A 1 8  ? 9.732   2.329   -1.887  1.00 13.75 ? 8   DC  A C5    1 
ATOM   159 C C6    . DC  A 1 8  ? 10.967  2.391   -1.367  1.00 10.33 ? 8   DC  A C6    1 
ATOM   160 P P     . DG  A 1 9  ? 17.270  2.680   0.716   1.00 25.67 ? 9   DG  A P     1 
ATOM   161 O OP1   . DG  A 1 9  ? 17.649  1.243   0.673   1.00 26.40 ? 9   DG  A OP1   1 
ATOM   162 O OP2   . DG  A 1 9  ? 17.057  3.343   2.028   1.00 24.54 ? 9   DG  A OP2   1 
ATOM   163 O "O5'" . DG  A 1 9  ? 18.352  3.516   -0.102  1.00 21.58 ? 9   DG  A "O5'" 1 
ATOM   164 C "C5'" . DG  A 1 9  ? 18.704  3.186   -1.444  1.00 19.73 ? 9   DG  A "C5'" 1 
ATOM   165 C "C4'" . DG  A 1 9  ? 18.670  4.436   -2.291  1.00 21.86 ? 9   DG  A "C4'" 1 
ATOM   166 O "O4'" . DG  A 1 9  ? 17.296  4.841   -2.492  1.00 21.62 ? 9   DG  A "O4'" 1 
ATOM   167 C "C3'" . DG  A 1 9  ? 19.362  5.653   -1.679  1.00 23.63 ? 9   DG  A "C3'" 1 
ATOM   168 O "O3'" . DG  A 1 9  ? 19.831  6.455   -2.756  1.00 24.41 ? 9   DG  A "O3'" 1 
ATOM   169 C "C2'" . DG  A 1 9  ? 18.222  6.370   -0.972  1.00 23.18 ? 9   DG  A "C2'" 1 
ATOM   170 C "C1'" . DG  A 1 9  ? 17.067  6.125   -1.932  1.00 21.67 ? 9   DG  A "C1'" 1 
ATOM   171 N N9    . DG  A 1 9  ? 15.716  6.117   -1.377  1.00 20.82 ? 9   DG  A N9    1 
ATOM   172 C C8    . DG  A 1 9  ? 15.329  5.826   -0.093  1.00 20.00 ? 9   DG  A C8    1 
ATOM   173 N N7    . DG  A 1 9  ? 14.030  5.813   0.059   1.00 20.67 ? 9   DG  A N7    1 
ATOM   174 C C5    . DG  A 1 9  ? 13.528  6.135   -1.198  1.00 19.52 ? 9   DG  A C5    1 
ATOM   175 C C6    . DG  A 1 9  ? 12.180  6.254   -1.666  1.00 17.97 ? 9   DG  A C6    1 
ATOM   176 O O6    . DG  A 1 9  ? 11.123  6.045   -1.056  1.00 20.95 ? 9   DG  A O6    1 
ATOM   177 N N1    . DG  A 1 9  ? 12.134  6.646   -3.000  1.00 16.75 ? 9   DG  A N1    1 
ATOM   178 C C2    . DG  A 1 9  ? 13.232  6.870   -3.788  1.00 16.75 ? 9   DG  A C2    1 
ATOM   179 N N2    . DG  A 1 9  ? 12.985  7.284   -5.027  1.00 15.09 ? 9   DG  A N2    1 
ATOM   180 N N3    . DG  A 1 9  ? 14.481  6.716   -3.384  1.00 18.55 ? 9   DG  A N3    1 
ATOM   181 C C4    . DG  A 1 9  ? 14.555  6.357   -2.086  1.00 20.32 ? 9   DG  A C4    1 
ATOM   182 P P     . DG  A 1 10 ? 21.149  7.342   -2.587  1.00 25.15 ? 10  DG  A P     1 
ATOM   183 O OP1   . DG  A 1 10 ? 22.259  6.527   -3.154  1.00 26.07 ? 10  DG  A OP1   1 
ATOM   184 O OP2   . DG  A 1 10 ? 21.235  7.842   -1.185  1.00 27.06 ? 10  DG  A OP2   1 
ATOM   185 O "O5'" . DG  A 1 10 ? 20.838  8.599   -3.521  1.00 21.94 ? 10  DG  A "O5'" 1 
ATOM   186 C "C5'" . DG  A 1 10 ? 20.521  8.430   -4.903  1.00 20.68 ? 10  DG  A "C5'" 1 
ATOM   187 C "C4'" . DG  A 1 10 ? 19.632  9.558   -5.383  1.00 21.33 ? 10  DG  A "C4'" 1 
ATOM   188 O "O4'" . DG  A 1 10 ? 18.339  9.481   -4.737  1.00 19.72 ? 10  DG  A "O4'" 1 
ATOM   189 C "C3'" . DG  A 1 10 ? 20.144  10.974  -5.108  1.00 21.14 ? 10  DG  A "C3'" 1 
ATOM   190 O "O3'" . DG  A 1 10 ? 19.607  11.873  -6.085  1.00 20.92 ? 10  DG  A "O3'" 1 
ATOM   191 C "C2'" . DG  A 1 10 ? 19.435  11.344  -3.818  1.00 20.53 ? 10  DG  A "C2'" 1 
ATOM   192 C "C1'" . DG  A 1 10 ? 18.077  10.691  -4.044  1.00 20.06 ? 10  DG  A "C1'" 1 
ATOM   193 N N9    . DG  A 1 10 ? 17.327  10.348  -2.841  1.00 20.80 ? 10  DG  A N9    1 
ATOM   194 C C8    . DG  A 1 10 ? 17.829  9.980   -1.614  1.00 20.35 ? 10  DG  A C8    1 
ATOM   195 N N7    . DG  A 1 10 ? 16.895  9.682   -0.750  1.00 21.21 ? 10  DG  A N7    1 
ATOM   196 C C5    . DG  A 1 10 ? 15.708  9.876   -1.445  1.00 20.38 ? 10  DG  A C5    1 
ATOM   197 C C6    . DG  A 1 10 ? 14.363  9.699   -1.034  1.00 18.32 ? 10  DG  A C6    1 
ATOM   198 O O6    . DG  A 1 10 ? 13.938  9.361   0.066   1.00 19.85 ? 10  DG  A O6    1 
ATOM   199 N N1    . DG  A 1 10 ? 13.475  9.979   -2.064  1.00 16.03 ? 10  DG  A N1    1 
ATOM   200 C C2    . DG  A 1 10 ? 13.832  10.398  -3.315  1.00 16.13 ? 10  DG  A C2    1 
ATOM   201 N N2    . DG  A 1 10 ? 12.830  10.608  -4.159  1.00 16.24 ? 10  DG  A N2    1 
ATOM   202 N N3    . DG  A 1 10 ? 15.084  10.590  -3.707  1.00 15.15 ? 10  DG  A N3    1 
ATOM   203 C C4    . DG  A 1 10 ? 15.960  10.301  -2.733  1.00 17.98 ? 10  DG  A C4    1 
ATOM   204 O "O5'" . DC  B 2 1  ? 6.795   -14.515 -3.569  1.00 20.30 ? 11  DC  B "O5'" 1 
ATOM   205 C "C5'" . DC  B 2 1  ? 7.019   -15.794 -4.202  1.00 15.69 ? 11  DC  B "C5'" 1 
ATOM   206 C "C4'" . DC  B 2 1  ? 6.412   -16.958 -3.449  1.00 17.40 ? 11  DC  B "C4'" 1 
ATOM   207 O "O4'" . DC  B 2 1  ? 7.083   -17.148 -2.178  1.00 15.99 ? 11  DC  B "O4'" 1 
ATOM   208 C "C3'" . DC  B 2 1  ? 4.923   -16.840 -3.113  1.00 15.64 ? 11  DC  B "C3'" 1 
ATOM   209 O "O3'" . DC  B 2 1  ? 4.398   -18.167 -3.035  1.00 19.61 ? 11  DC  B "O3'" 1 
ATOM   210 C "C2'" . DC  B 2 1  ? 4.951   -16.267 -1.707  1.00 15.25 ? 11  DC  B "C2'" 1 
ATOM   211 C "C1'" . DC  B 2 1  ? 6.130   -17.031 -1.116  1.00 14.78 ? 11  DC  B "C1'" 1 
ATOM   212 N N1    . DC  B 2 1  ? 6.799   -16.386 0.025   1.00 11.56 ? 11  DC  B N1    1 
ATOM   213 C C2    . DC  B 2 1  ? 6.225   -16.470 1.297   1.00 8.10  ? 11  DC  B C2    1 
ATOM   214 O O2    . DC  B 2 1  ? 5.164   -17.056 1.438   1.00 6.91  ? 11  DC  B O2    1 
ATOM   215 N N3    . DC  B 2 1  ? 6.850   -15.902 2.345   1.00 7.50  ? 11  DC  B N3    1 
ATOM   216 C C4    . DC  B 2 1  ? 8.005   -15.267 2.171   1.00 13.55 ? 11  DC  B C4    1 
ATOM   217 N N4    . DC  B 2 1  ? 8.606   -14.746 3.254   1.00 13.35 ? 11  DC  B N4    1 
ATOM   218 C C5    . DC  B 2 1  ? 8.607   -15.140 0.883   1.00 12.62 ? 11  DC  B C5    1 
ATOM   219 C C6    . DC  B 2 1  ? 7.977   -15.711 -0.151  1.00 14.23 ? 11  DC  B C6    1 
ATOM   220 P P     . DC  B 2 2  ? 3.112   -18.581 -3.890  1.00 20.16 ? 12  DC  B P     1 
ATOM   221 O OP1   . DC  B 2 2  ? 2.713   -19.928 -3.408  1.00 22.18 ? 12  DC  B OP1   1 
ATOM   222 O OP2   . DC  B 2 2  ? 3.382   -18.376 -5.339  1.00 23.65 ? 12  DC  B OP2   1 
ATOM   223 O "O5'" . DC  B 2 2  ? 2.001   -17.532 -3.425  1.00 19.19 ? 12  DC  B "O5'" 1 
ATOM   224 C "C5'" . DC  B 2 2  ? 1.198   -17.801 -2.288  1.00 15.30 ? 12  DC  B "C5'" 1 
ATOM   225 C "C4'" . DC  B 2 2  ? 0.481   -16.548 -1.854  1.00 13.82 ? 12  DC  B "C4'" 1 
ATOM   226 O "O4'" . DC  B 2 2  ? 1.367   -15.709 -1.091  1.00 11.65 ? 12  DC  B "O4'" 1 
ATOM   227 C "C3'" . DC  B 2 2  ? -0.046  -15.688 -3.008  1.00 14.15 ? 12  DC  B "C3'" 1 
ATOM   228 O "O3'" . DC  B 2 2  ? -1.370  -15.281 -2.698  1.00 15.85 ? 12  DC  B "O3'" 1 
ATOM   229 C "C2'" . DC  B 2 2  ? 0.907   -14.495 -3.027  1.00 12.38 ? 12  DC  B "C2'" 1 
ATOM   230 C "C1'" . DC  B 2 2  ? 1.274   -14.368 -1.561  1.00 10.61 ? 12  DC  B "C1'" 1 
ATOM   231 N N1    . DC  B 2 2  ? 2.554   -13.707 -1.240  1.00 9.18  ? 12  DC  B N1    1 
ATOM   232 C C2    . DC  B 2 2  ? 2.951   -13.707 0.079   1.00 7.49  ? 12  DC  B C2    1 
ATOM   233 O O2    . DC  B 2 2  ? 2.167   -14.145 0.926   1.00 5.88  ? 12  DC  B O2    1 
ATOM   234 N N3    . DC  B 2 2  ? 4.165   -13.220 0.412   1.00 8.84  ? 12  DC  B N3    1 
ATOM   235 C C4    . DC  B 2 2  ? 4.959   -12.711 -0.528  1.00 8.88  ? 12  DC  B C4    1 
ATOM   236 N N4    . DC  B 2 2  ? 6.171   -12.285 -0.153  1.00 13.51 ? 12  DC  B N4    1 
ATOM   237 C C5    . DC  B 2 2  ? 4.548   -12.630 -1.889  1.00 10.85 ? 12  DC  B C5    1 
ATOM   238 C C6    . DC  B 2 2  ? 3.346   -13.137 -2.199  1.00 8.99  ? 12  DC  B C6    1 
ATOM   239 P P     . DG  B 2 3  ? -2.601  -16.272 -3.008  1.00 21.60 ? 13  DG  B P     1 
ATOM   240 O OP1   . DG  B 2 3  ? -2.084  -17.682 -2.978  1.00 19.77 ? 13  DG  B OP1   1 
ATOM   241 O OP2   . DG  B 2 3  ? -3.354  -15.784 -4.181  1.00 19.36 ? 13  DG  B OP2   1 
ATOM   242 O "O5'" . DG  B 2 3  ? -3.538  -16.154 -1.731  1.00 20.27 ? 13  DG  B "O5'" 1 
ATOM   243 C "C5'" . DG  B 2 3  ? -4.332  -15.014 -1.533  1.00 19.00 ? 13  DG  B "C5'" 1 
ATOM   244 C "C4'" . DG  B 2 3  ? -4.250  -14.565 -0.094  1.00 18.53 ? 13  DG  B "C4'" 1 
ATOM   245 O "O4'" . DG  B 2 3  ? -2.961  -13.968 0.203   1.00 15.59 ? 13  DG  B "O4'" 1 
ATOM   246 C "C3'" . DG  B 2 3  ? -5.260  -13.465 0.180   1.00 16.60 ? 13  DG  B "C3'" 1 
ATOM   247 O "O3'" . DG  B 2 3  ? -5.528  -13.466 1.574   1.00 17.21 ? 13  DG  B "O3'" 1 
ATOM   248 C "C2'" . DG  B 2 3  ? -4.493  -12.219 -0.209  1.00 15.83 ? 13  DG  B "C2'" 1 
ATOM   249 C "C1'" . DG  B 2 3  ? -3.118  -12.547 0.336   1.00 15.26 ? 13  DG  B "C1'" 1 
ATOM   250 N N9    . DG  B 2 3  ? -2.018  -11.928 -0.389  1.00 12.68 ? 13  DG  B N9    1 
ATOM   251 C C8    . DG  B 2 3  ? -1.901  -11.770 -1.749  1.00 12.44 ? 13  DG  B C8    1 
ATOM   252 N N7    . DG  B 2 3  ? -0.736  -11.311 -2.109  1.00 10.74 ? 13  DG  B N7    1 
ATOM   253 C C5    . DG  B 2 3  ? -0.058  -11.130 -0.907  1.00 10.31 ? 13  DG  B C5    1 
ATOM   254 C C6    . DG  B 2 3  ? 1.270   -10.692 -0.657  1.00 4.20  ? 13  DG  B C6    1 
ATOM   255 O O6    . DG  B 2 3  ? 2.142   -10.370 -1.472  1.00 4.00  ? 13  DG  B O6    1 
ATOM   256 N N1    . DG  B 2 3  ? 1.538   -10.653 0.703   1.00 6.39  ? 13  DG  B N1    1 
ATOM   257 C C2    . DG  B 2 3  ? 0.647   -10.996 1.704   1.00 5.26  ? 13  DG  B C2    1 
ATOM   258 N N2    . DG  B 2 3  ? 1.076   -10.887 2.958   1.00 10.02 ? 13  DG  B N2    1 
ATOM   259 N N3    . DG  B 2 3  ? -0.576  -11.412 1.483   1.00 10.17 ? 13  DG  B N3    1 
ATOM   260 C C4    . DG  B 2 3  ? -0.858  -11.463 0.160   1.00 9.39  ? 13  DG  B C4    1 
ATOM   261 P P     . DA  B 2 4  ? -7.031  -13.630 2.089   1.00 19.59 ? 14  DA  B P     1 
ATOM   262 O OP1   . DA  B 2 4  ? -7.258  -15.071 2.404   1.00 19.04 ? 14  DA  B OP1   1 
ATOM   263 O OP2   . DA  B 2 4  ? -7.936  -12.938 1.129   1.00 14.89 ? 14  DA  B OP2   1 
ATOM   264 O "O5'" . DA  B 2 4  ? -6.987  -12.886 3.487   1.00 15.40 ? 14  DA  B "O5'" 1 
ATOM   265 C "C5'" . DA  B 2 4  ? -6.187  -13.403 4.538   1.00 14.77 ? 14  DA  B "C5'" 1 
ATOM   266 C "C4'" . DA  B 2 4  ? -5.503  -12.284 5.283   1.00 14.42 ? 14  DA  B "C4'" 1 
ATOM   267 O "O4'" . DA  B 2 4  ? -4.608  -11.569 4.396   1.00 15.78 ? 14  DA  B "O4'" 1 
ATOM   268 C "C3'" . DA  B 2 4  ? -6.465  -11.246 5.857   1.00 15.20 ? 14  DA  B "C3'" 1 
ATOM   269 O "O3'" . DA  B 2 4  ? -6.117  -10.962 7.225   1.00 14.43 ? 14  DA  B "O3'" 1 
ATOM   270 C "C2'" . DA  B 2 4  ? -6.340  -10.055 4.906   1.00 16.92 ? 14  DA  B "C2'" 1 
ATOM   271 C "C1'" . DA  B 2 4  ? -4.916  -10.174 4.366   1.00 14.43 ? 14  DA  B "C1'" 1 
ATOM   272 N N9    . DA  B 2 4  ? -4.682  -9.708  2.988   1.00 14.89 ? 14  DA  B N9    1 
ATOM   273 C C8    . DA  B 2 4  ? -5.510  -9.844  1.905   1.00 16.77 ? 14  DA  B C8    1 
ATOM   274 N N7    . DA  B 2 4  ? -4.979  -9.438  0.777   1.00 16.07 ? 14  DA  B N7    1 
ATOM   275 C C5    . DA  B 2 4  ? -3.724  -8.976  1.143   1.00 14.66 ? 14  DA  B C5    1 
ATOM   276 C C6    . DA  B 2 4  ? -2.650  -8.424  0.392   1.00 15.42 ? 14  DA  B C6    1 
ATOM   277 N N6    . DA  B 2 4  ? -2.658  -8.272  -0.942  1.00 13.01 ? 14  DA  B N6    1 
ATOM   278 N N1    . DA  B 2 4  ? -1.550  -8.043  1.072   1.00 13.98 ? 14  DA  B N1    1 
ATOM   279 C C2    . DA  B 2 4  ? -1.520  -8.231  2.392   1.00 14.71 ? 14  DA  B C2    1 
ATOM   280 N N3    . DA  B 2 4  ? -2.444  -8.754  3.200   1.00 14.05 ? 14  DA  B N3    1 
ATOM   281 C C4    . DA  B 2 4  ? -3.538  -9.106  2.505   1.00 14.99 ? 14  DA  B C4    1 
ATOM   282 P P     . DT  B 2 5  ? -6.950  -9.857  8.035   1.00 15.83 ? 15  DT  B P     1 
ATOM   283 O OP1   . DT  B 2 5  ? -6.841  -10.058 9.506   1.00 15.94 ? 15  DT  B OP1   1 
ATOM   284 O OP2   . DT  B 2 5  ? -8.277  -9.770  7.408   1.00 13.30 ? 15  DT  B OP2   1 
ATOM   285 O "O5'" . DT  B 2 5  ? -6.190  -8.512  7.632   1.00 15.68 ? 15  DT  B "O5'" 1 
ATOM   286 C "C5'" . DT  B 2 5  ? -4.786  -8.401  7.786   1.00 15.92 ? 15  DT  B "C5'" 1 
ATOM   287 C "C4'" . DT  B 2 5  ? -4.314  -7.028  7.368   1.00 18.24 ? 15  DT  B "C4'" 1 
ATOM   288 O "O4'" . DT  B 2 5  ? -3.953  -6.964  5.973   1.00 18.03 ? 15  DT  B "O4'" 1 
ATOM   289 C "C3'" . DT  B 2 5  ? -5.290  -5.878  7.620   1.00 20.67 ? 15  DT  B "C3'" 1 
ATOM   290 O "O3'" . DT  B 2 5  ? -4.607  -4.886  8.349   1.00 24.80 ? 15  DT  B "O3'" 1 
ATOM   291 C "C2'" . DT  B 2 5  ? -5.569  -5.319  6.232   1.00 19.83 ? 15  DT  B "C2'" 1 
ATOM   292 C "C1'" . DT  B 2 5  ? -4.290  -5.675  5.493   1.00 16.33 ? 15  DT  B "C1'" 1 
ATOM   293 N N1    . DT  B 2 5  ? -4.423  -5.749  4.031   1.00 16.18 ? 15  DT  B N1    1 
ATOM   294 C C2    . DT  B 2 5  ? -3.336  -5.391  3.257   1.00 13.24 ? 15  DT  B C2    1 
ATOM   295 O O2    . DT  B 2 5  ? -2.257  -5.070  3.730   1.00 13.43 ? 15  DT  B O2    1 
ATOM   296 N N3    . DT  B 2 5  ? -3.551  -5.450  1.905   1.00 14.96 ? 15  DT  B N3    1 
ATOM   297 C C4    . DT  B 2 5  ? -4.710  -5.863  1.259   1.00 14.77 ? 15  DT  B C4    1 
ATOM   298 O O4    . DT  B 2 5  ? -4.747  -5.914  0.029   1.00 13.92 ? 15  DT  B O4    1 
ATOM   299 C C5    . DT  B 2 5  ? -5.808  -6.230  2.134   1.00 17.38 ? 15  DT  B C5    1 
ATOM   300 C C7    . DT  B 2 5  ? -7.110  -6.661  1.530   1.00 18.26 ? 15  DT  B C7    1 
ATOM   301 C C6    . DT  B 2 5  ? -5.609  -6.157  3.457   1.00 15.60 ? 15  DT  B C6    1 
ATOM   302 P P     . DA  B 2 6  ? -5.302  -4.190  9.600   1.00 27.73 ? 16  DA  B P     1 
ATOM   303 O OP1   . DA  B 2 6  ? -5.073  -5.038  10.794  1.00 29.89 ? 16  DA  B OP1   1 
ATOM   304 O OP2   . DA  B 2 6  ? -6.692  -3.788  9.241   1.00 27.50 ? 16  DA  B OP2   1 
ATOM   305 O "O5'" . DA  B 2 6  ? -4.380  -2.905  9.716   1.00 26.50 ? 16  DA  B "O5'" 1 
ATOM   306 C "C5'" . DA  B 2 6  ? -2.989  -3.026  9.426   1.00 26.10 ? 16  DA  B "C5'" 1 
ATOM   307 C "C4'" . DA  B 2 6  ? -2.520  -1.889  8.554   1.00 25.82 ? 16  DA  B "C4'" 1 
ATOM   308 O "O4'" . DA  B 2 6  ? -2.778  -2.078  7.139   1.00 24.90 ? 16  DA  B "O4'" 1 
ATOM   309 C "C3'" . DA  B 2 6  ? -3.105  -0.534  8.915   1.00 26.28 ? 16  DA  B "C3'" 1 
ATOM   310 O "O3'" . DA  B 2 6  ? -2.055  0.407   8.801   1.00 28.54 ? 16  DA  B "O3'" 1 
ATOM   311 C "C2'" . DA  B 2 6  ? -4.130  -0.298  7.819   1.00 25.17 ? 16  DA  B "C2'" 1 
ATOM   312 C "C1'" . DA  B 2 6  ? -3.443  -0.935  6.622   1.00 21.45 ? 16  DA  B "C1'" 1 
ATOM   313 N N9    . DA  B 2 6  ? -4.336  -1.384  5.555   1.00 17.75 ? 16  DA  B N9    1 
ATOM   314 C C8    . DA  B 2 6  ? -5.666  -1.694  5.659   1.00 17.56 ? 16  DA  B C8    1 
ATOM   315 N N7    . DA  B 2 6  ? -6.195  -2.135  4.541   1.00 16.86 ? 16  DA  B N7    1 
ATOM   316 C C5    . DA  B 2 6  ? -5.141  -2.111  3.641   1.00 15.03 ? 16  DA  B C5    1 
ATOM   317 C C6    . DA  B 2 6  ? -5.049  -2.481  2.282   1.00 12.37 ? 16  DA  B C6    1 
ATOM   318 N N6    . DA  B 2 6  ? -6.075  -3.012  1.593   1.00 12.20 ? 16  DA  B N6    1 
ATOM   319 N N1    . DA  B 2 6  ? -3.858  -2.297  1.660   1.00 13.85 ? 16  DA  B N1    1 
ATOM   320 C C2    . DA  B 2 6  ? -2.837  -1.788  2.364   1.00 12.22 ? 16  DA  B C2    1 
ATOM   321 N N3    . DA  B 2 6  ? -2.801  -1.425  3.649   1.00 14.59 ? 16  DA  B N3    1 
ATOM   322 C C4    . DA  B 2 6  ? -3.997  -1.616  4.238   1.00 14.40 ? 16  DA  B C4    1 
ATOM   323 P P     . DC  B 2 7  ? -2.169  1.819   9.537   1.00 29.12 ? 17  DC  B P     1 
ATOM   324 O OP1   . DC  B 2 7  ? -1.364  1.692   10.773  1.00 30.94 ? 17  DC  B OP1   1 
ATOM   325 O OP2   . DC  B 2 7  ? -3.600  2.205   9.634   1.00 28.63 ? 17  DC  B OP2   1 
ATOM   326 O "O5'" . DC  B 2 7  ? -1.427  2.770   8.495   1.00 29.93 ? 17  DC  B "O5'" 1 
ATOM   327 C "C5'" . DC  B 2 7  ? -0.294  2.284   7.777   1.00 30.85 ? 17  DC  B "C5'" 1 
ATOM   328 C "C4'" . DC  B 2 7  ? -0.323  2.736   6.332   1.00 31.14 ? 17  DC  B "C4'" 1 
ATOM   329 O "O4'" . DC  B 2 7  ? -1.308  2.010   5.547   1.00 30.48 ? 17  DC  B "O4'" 1 
ATOM   330 C "C3'" . DC  B 2 7  ? -0.586  4.224   6.092   1.00 31.00 ? 17  DC  B "C3'" 1 
ATOM   331 O "O3'" . DC  B 2 7  ? 0.402   4.743   5.204   1.00 31.32 ? 17  DC  B "O3'" 1 
ATOM   332 C "C2'" . DC  B 2 7  ? -1.949  4.249   5.421   1.00 29.91 ? 17  DC  B "C2'" 1 
ATOM   333 C "C1'" . DC  B 2 7  ? -1.977  2.917   4.685   1.00 29.51 ? 17  DC  B "C1'" 1 
ATOM   334 N N1    . DC  B 2 7  ? -3.327  2.377   4.404   1.00 25.66 ? 17  DC  B N1    1 
ATOM   335 C C2    . DC  B 2 7  ? -3.598  1.832   3.129   1.00 25.56 ? 17  DC  B C2    1 
ATOM   336 O O2    . DC  B 2 7  ? -2.699  1.814   2.270   1.00 23.32 ? 17  DC  B O2    1 
ATOM   337 N N3    . DC  B 2 7  ? -4.830  1.344   2.867   1.00 22.58 ? 17  DC  B N3    1 
ATOM   338 C C4    . DC  B 2 7  ? -5.776  1.390   3.809   1.00 24.44 ? 17  DC  B C4    1 
ATOM   339 N N4    . DC  B 2 7  ? -6.987  0.915   3.505   1.00 17.64 ? 17  DC  B N4    1 
ATOM   340 C C5    . DC  B 2 7  ? -5.527  1.932   5.106   1.00 23.96 ? 17  DC  B C5    1 
ATOM   341 C C6    . DC  B 2 7  ? -4.300  2.405   5.357   1.00 25.54 ? 17  DC  B C6    1 
ATOM   342 P P     . DC  B 2 8  ? 0.869   6.273   5.340   1.00 31.59 ? 18  DC  B P     1 
ATOM   343 O OP1   . DC  B 2 8  ? 2.357   6.305   5.316   1.00 32.15 ? 18  DC  B OP1   1 
ATOM   344 O OP2   . DC  B 2 8  ? 0.138   6.896   6.470   1.00 34.20 ? 18  DC  B OP2   1 
ATOM   345 O "O5'" . DC  B 2 8  ? 0.340   6.945   4.000   1.00 30.85 ? 18  DC  B "O5'" 1 
ATOM   346 C "C5'" . DC  B 2 8  ? 0.603   6.355   2.741   1.00 27.73 ? 18  DC  B "C5'" 1 
ATOM   347 C "C4'" . DC  B 2 8  ? -0.385  6.867   1.726   1.00 27.19 ? 18  DC  B "C4'" 1 
ATOM   348 O "O4'" . DC  B 2 8  ? -1.670  6.227   1.903   1.00 26.97 ? 18  DC  B "O4'" 1 
ATOM   349 C "C3'" . DC  B 2 8  ? -0.628  8.368   1.853   1.00 27.76 ? 18  DC  B "C3'" 1 
ATOM   350 O "O3'" . DC  B 2 8  ? -0.543  8.976   0.564   1.00 31.02 ? 18  DC  B "O3'" 1 
ATOM   351 C "C2'" . DC  B 2 8  ? -2.005  8.470   2.495   1.00 26.86 ? 18  DC  B "C2'" 1 
ATOM   352 C "C1'" . DC  B 2 8  ? -2.685  7.219   1.976   1.00 25.44 ? 18  DC  B "C1'" 1 
ATOM   353 N N1    . DC  B 2 8  ? -3.786  6.668   2.783   1.00 22.68 ? 18  DC  B N1    1 
ATOM   354 C C2    . DC  B 2 8  ? -4.831  6.057   2.105   1.00 20.80 ? 18  DC  B C2    1 
ATOM   355 O O2    . DC  B 2 8  ? -4.818  6.091   0.867   1.00 22.59 ? 18  DC  B O2    1 
ATOM   356 N N3    . DC  B 2 8  ? -5.822  5.460   2.804   1.00 15.26 ? 18  DC  B N3    1 
ATOM   357 C C4    . DC  B 2 8  ? -5.798  5.484   4.139   1.00 17.48 ? 18  DC  B C4    1 
ATOM   358 N N4    . DC  B 2 8  ? -6.787  4.862   4.800   1.00 14.56 ? 18  DC  B N4    1 
ATOM   359 C C5    . DC  B 2 8  ? -4.756  6.146   4.863   1.00 18.89 ? 18  DC  B C5    1 
ATOM   360 C C6    . DC  B 2 8  ? -3.779  6.721   4.149   1.00 19.74 ? 18  DC  B C6    1 
ATOM   361 P P     . DG  B 2 9  ? 0.776   9.821   0.194   1.00 31.85 ? 19  DG  B P     1 
ATOM   362 O OP1   . DG  B 2 9  ? 1.935   8.890   0.142   1.00 32.00 ? 19  DG  B OP1   1 
ATOM   363 O OP2   . DG  B 2 9  ? 0.788   10.960  1.147   1.00 32.84 ? 19  DG  B OP2   1 
ATOM   364 O "O5'" . DG  B 2 9  ? 0.510   10.359  -1.275  1.00 31.45 ? 19  DG  B "O5'" 1 
ATOM   365 C "C5'" . DG  B 2 9  ? 0.186   9.458   -2.322  1.00 29.05 ? 19  DG  B "C5'" 1 
ATOM   366 C "C4'" . DG  B 2 9  ? -1.164  9.815   -2.888  1.00 27.63 ? 19  DG  B "C4'" 1 
ATOM   367 O "O4'" . DG  B 2 9  ? -2.207  9.474   -1.940  1.00 27.05 ? 19  DG  B "O4'" 1 
ATOM   368 C "C3'" . DG  B 2 9  ? -1.323  11.313  -3.157  1.00 27.12 ? 19  DG  B "C3'" 1 
ATOM   369 O "O3'" . DG  B 2 9  ? -2.150  11.476  -4.307  1.00 29.44 ? 19  DG  B "O3'" 1 
ATOM   370 C "C2'" . DG  B 2 9  ? -2.072  11.801  -1.928  1.00 26.33 ? 19  DG  B "C2'" 1 
ATOM   371 C "C1'" . DG  B 2 9  ? -3.002  10.626  -1.709  1.00 23.82 ? 19  DG  B "C1'" 1 
ATOM   372 N N9    . DG  B 2 9  ? -3.618  10.502  -0.393  1.00 20.32 ? 19  DG  B N9    1 
ATOM   373 C C8    . DG  B 2 9  ? -3.260  11.137  0.774   1.00 18.32 ? 19  DG  B C8    1 
ATOM   374 N N7    . DG  B 2 9  ? -3.997  10.788  1.791   1.00 18.03 ? 19  DG  B N7    1 
ATOM   375 C C5    . DG  B 2 9  ? -4.900  9.873   1.260   1.00 17.76 ? 19  DG  B C5    1 
ATOM   376 C C6    . DG  B 2 9  ? -5.948  9.141   1.879   1.00 16.96 ? 19  DG  B C6    1 
ATOM   377 O O6    . DG  B 2 9  ? -6.296  9.143   3.067   1.00 16.89 ? 19  DG  B O6    1 
ATOM   378 N N1    . DG  B 2 9  ? -6.619  8.338   0.961   1.00 13.82 ? 19  DG  B N1    1 
ATOM   379 C C2    . DG  B 2 9  ? -6.324  8.249   -0.373  1.00 15.32 ? 19  DG  B C2    1 
ATOM   380 N N2    . DG  B 2 9  ? -7.092  7.430   -1.105  1.00 15.78 ? 19  DG  B N2    1 
ATOM   381 N N3    . DG  B 2 9  ? -5.349  8.914   -0.954  1.00 17.30 ? 19  DG  B N3    1 
ATOM   382 C C4    . DG  B 2 9  ? -4.683  9.699   -0.088  1.00 17.29 ? 19  DG  B C4    1 
ATOM   383 P P     . DG  B 2 10 ? -1.532  12.107  -5.638  1.00 29.30 ? 20  DG  B P     1 
ATOM   384 O OP1   . DG  B 2 10 ? -0.337  11.303  -5.992  1.00 31.15 ? 20  DG  B OP1   1 
ATOM   385 O OP2   . DG  B 2 10 ? -1.393  13.575  -5.391  1.00 30.98 ? 20  DG  B OP2   1 
ATOM   386 O "O5'" . DG  B 2 10 ? -2.636  11.832  -6.752  1.00 26.69 ? 20  DG  B "O5'" 1 
ATOM   387 C "C5'" . DG  B 2 10 ? -3.004  10.507  -7.137  1.00 20.54 ? 20  DG  B "C5'" 1 
ATOM   388 C "C4'" . DG  B 2 10 ? -4.490  10.447  -7.419  1.00 18.96 ? 20  DG  B "C4'" 1 
ATOM   389 O "O4'" . DG  B 2 10 ? -5.196  10.467  -6.159  1.00 17.48 ? 20  DG  B "O4'" 1 
ATOM   390 C "C3'" . DG  B 2 10 ? -4.995  11.665  -8.192  1.00 16.55 ? 20  DG  B "C3'" 1 
ATOM   391 O "O3'" . DG  B 2 10 ? -6.187  11.452  -8.992  1.00 15.89 ? 20  DG  B "O3'" 1 
ATOM   392 C "C2'" . DG  B 2 10 ? -5.293  12.647  -7.077  1.00 16.86 ? 20  DG  B "C2'" 1 
ATOM   393 C "C1'" . DG  B 2 10 ? -5.831  11.732  -5.981  1.00 17.35 ? 20  DG  B "C1'" 1 
ATOM   394 N N9    . DG  B 2 10 ? -5.602  12.175  -4.604  1.00 16.29 ? 20  DG  B N9    1 
ATOM   395 C C8    . DG  B 2 10 ? -4.576  12.951  -4.136  1.00 13.29 ? 20  DG  B C8    1 
ATOM   396 N N7    . DG  B 2 10 ? -4.650  13.187  -2.857  1.00 15.56 ? 20  DG  B N7    1 
ATOM   397 C C5    . DG  B 2 10 ? -5.796  12.520  -2.450  1.00 13.80 ? 20  DG  B C5    1 
ATOM   398 C C6    . DG  B 2 10 ? -6.398  12.412  -1.156  1.00 13.37 ? 20  DG  B C6    1 
ATOM   399 O O6    . DG  B 2 10 ? -6.006  12.872  -0.073  1.00 14.11 ? 20  DG  B O6    1 
ATOM   400 N N1    . DG  B 2 10 ? -7.567  11.673  -1.204  1.00 10.42 ? 20  DG  B N1    1 
ATOM   401 C C2    . DG  B 2 10 ? -8.092  11.095  -2.333  1.00 14.00 ? 20  DG  B C2    1 
ATOM   402 N N2    . DG  B 2 10 ? -9.248  10.428  -2.179  1.00 15.05 ? 20  DG  B N2    1 
ATOM   403 N N3    . DG  B 2 10 ? -7.534  11.165  -3.531  1.00 17.21 ? 20  DG  B N3    1 
ATOM   404 C C4    . DG  B 2 10 ? -6.396  11.891  -3.515  1.00 15.68 ? 20  DG  B C4    1 
HETATM 405 O O     . HOH C 3 .  ? 15.023  -1.485  -6.553  1.00 23.44 ? 101 HOH A O     1 
HETATM 406 O O     . HOH C 3 .  ? -10.473 4.929   -1.762  1.00 21.88 ? 102 HOH A O     1 
HETATM 407 O O     . HOH C 3 .  ? 20.905  2.135   4.215   1.00 16.00 ? 103 HOH A O     1 
HETATM 408 O O     . HOH C 3 .  ? 13.329  -5.117  -2.843  1.00 30.29 ? 104 HOH A O     1 
HETATM 409 O O     . HOH C 3 .  ? 18.631  15.157  -8.798  1.00 18.20 ? 105 HOH A O     1 
HETATM 410 O O     . HOH C 3 .  ? -4.271  5.820   -2.759  1.00 19.14 ? 106 HOH A O     1 
HETATM 411 O O     . HOH C 3 .  ? -13.256 1.641   2.156   1.00 19.29 ? 107 HOH A O     1 
HETATM 412 O O     . HOH C 3 .  ? 4.625   -0.762  1.687   1.00 18.56 ? 108 HOH A O     1 
HETATM 413 O O     . HOH C 3 .  ? 4.826   3.190   -2.730  1.00 11.84 ? 109 HOH A O     1 
HETATM 414 O O     . HOH C 3 .  ? 17.670  -2.182  0.039   1.00 21.34 ? 110 HOH A O     1 
HETATM 415 O O     . HOH C 3 .  ? 6.692   4.821   -0.983  1.00 12.96 ? 111 HOH A O     1 
HETATM 416 O O     . HOH C 3 .  ? 18.260  10.820  -9.327  1.00 27.01 ? 112 HOH A O     1 
HETATM 417 O O     . HOH C 3 .  ? -2.414  -3.211  -12.827 0.50 17.17 ? 113 HOH A O     1 
HETATM 418 O O     . HOH C 3 .  ? -15.068 11.399  -0.442  1.00 13.06 ? 114 HOH A O     1 
HETATM 419 O O     . HOH C 3 .  ? 21.196  2.108   0.834   1.00 22.66 ? 115 HOH A O     1 
HETATM 420 O O     . HOH C 3 .  ? 18.613  5.300   7.734   1.00 21.11 ? 116 HOH A O     1 
HETATM 421 O O     . HOH C 3 .  ? 16.040  3.317   -4.809  1.00 10.12 ? 117 HOH A O     1 
HETATM 422 O O     . HOH C 3 .  ? 16.720  7.210   -5.178  1.00 15.21 ? 118 HOH A O     1 
HETATM 423 O O     . HOH C 3 .  ? 22.583  -0.211  -3.340  1.00 22.77 ? 119 HOH A O     1 
HETATM 424 O O     . HOH C 3 .  ? -14.831 1.494   -7.167  1.00 29.63 ? 120 HOH A O     1 
HETATM 425 O O     . HOH C 3 .  ? 1.793   3.316   -1.009  1.00 24.52 ? 121 HOH A O     1 
HETATM 426 O O     . HOH C 3 .  ? -4.260  1.097   -12.180 1.00 42.81 ? 122 HOH A O     1 
HETATM 427 O O     . HOH C 3 .  ? -11.510 7.959   -2.260  1.00 13.27 ? 123 HOH A O     1 
HETATM 428 O O     . HOH C 3 .  ? -0.008  -3.791  -8.222  0.50 7.68  ? 124 HOH A O     1 
HETATM 429 O O     . HOH C 3 .  ? 1.969   -1.839  1.929   1.00 9.55  ? 125 HOH A O     1 
HETATM 430 O O     . HOH C 3 .  ? -0.873  -1.260  -10.315 1.00 21.86 ? 126 HOH A O     1 
HETATM 431 O O     . HOH C 3 .  ? -0.174  1.970   -2.367  1.00 15.44 ? 127 HOH A O     1 
HETATM 432 O O     . HOH C 3 .  ? 14.374  -2.732  -4.255  1.00 21.75 ? 128 HOH A O     1 
HETATM 433 O O     . HOH C 3 .  ? 18.925  5.537   -6.666  1.00 27.40 ? 129 HOH A O     1 
HETATM 434 O O     . HOH C 3 .  ? 22.742  -2.643  -2.909  1.00 29.14 ? 130 HOH A O     1 
HETATM 435 O O     . HOH C 3 .  ? -14.536 5.635   3.490   1.00 33.56 ? 131 HOH A O     1 
HETATM 436 O O     . HOH C 3 .  ? 25.542  0.864   -3.806  1.00 34.21 ? 132 HOH A O     1 
HETATM 437 O O     . HOH C 3 .  ? 21.856  5.822   0.792   1.00 25.06 ? 133 HOH A O     1 
HETATM 438 O O     . HOH C 3 .  ? 9.487   -3.167  1.343   0.50 12.97 ? 134 HOH A O     1 
HETATM 439 O O     . HOH C 3 .  ? -0.009  4.878   -8.015  1.00 26.63 ? 135 HOH A O     1 
HETATM 440 O O     . HOH C 3 .  ? -15.154 -1.259  -4.834  1.00 30.25 ? 136 HOH A O     1 
HETATM 441 O O     . HOH D 3 .  ? -2.373  -16.821 5.354   1.00 22.32 ? 101 HOH B O     1 
HETATM 442 O O     . HOH D 3 .  ? -6.792  -2.914  12.774  1.00 24.15 ? 102 HOH B O     1 
HETATM 443 O O     . HOH D 3 .  ? -9.065  -14.049 7.007   1.00 15.96 ? 103 HOH B O     1 
HETATM 444 O O     . HOH D 3 .  ? 14.317  -11.859 2.227   1.00 22.84 ? 104 HOH B O     1 
HETATM 445 O O     . HOH D 3 .  ? 12.016  -13.009 0.136   1.00 11.27 ? 105 HOH B O     1 
HETATM 446 O O     . HOH D 3 .  ? -5.719  -14.768 10.365  1.00 30.20 ? 106 HOH B O     1 
HETATM 447 O O     . HOH D 3 .  ? -5.987  -12.491 9.708   1.00 21.62 ? 107 HOH B O     1 
HETATM 448 O O     . HOH D 3 .  ? -9.258  -1.394  4.366   1.00 12.44 ? 108 HOH B O     1 
HETATM 449 O O     . HOH D 3 .  ? 2.146   11.308  -5.011  1.00 15.13 ? 109 HOH B O     1 
HETATM 450 O O     . HOH D 3 .  ? -0.137  -14.780 1.661   1.00 11.42 ? 110 HOH B O     1 
HETATM 451 O O     . HOH D 3 .  ? -8.515  -13.166 13.939  1.00 27.52 ? 111 HOH B O     1 
HETATM 452 O O     . HOH D 3 .  ? 1.357   5.509   8.863   1.00 18.24 ? 112 HOH B O     1 
HETATM 453 O O     . HOH D 3 .  ? -4.390  14.944  0.692   1.00 26.54 ? 113 HOH B O     1 
HETATM 454 O O     . HOH D 3 .  ? -2.974  -1.515  15.777  0.50 15.30 ? 114 HOH B O     1 
HETATM 455 O O     . HOH D 3 .  ? -8.387  -4.557  4.125   1.00 32.55 ? 115 HOH B O     1 
HETATM 456 O O     . HOH D 3 .  ? -9.311  -16.902 10.014  1.00 30.92 ? 116 HOH B O     1 
HETATM 457 O O     . HOH D 3 .  ? 2.215   10.100  5.366   1.00 26.62 ? 117 HOH B O     1 
HETATM 458 O O     . HOH D 3 .  ? -5.606  2.807   8.546   1.00 33.27 ? 118 HOH B O     1 
HETATM 459 O O     . HOH D 3 .  ? -4.043  9.945   4.552   1.00 24.84 ? 119 HOH B O     1 
HETATM 460 O O     . HOH D 3 .  ? -0.400  -13.425 5.994   1.00 14.72 ? 120 HOH B O     1 
HETATM 461 O O     . HOH D 3 .  ? 0.878   15.552  -1.821  1.00 16.69 ? 121 HOH B O     1 
HETATM 462 O O     . HOH D 3 .  ? 3.297   -19.322 0.656   1.00 23.51 ? 122 HOH B O     1 
HETATM 463 O O     . HOH D 3 .  ? -3.267  14.134  3.253   1.00 21.36 ? 123 HOH B O     1 
HETATM 464 O O     . HOH D 3 .  ? -2.115  7.374   7.675   1.00 32.71 ? 124 HOH B O     1 
HETATM 465 O O     . HOH D 3 .  ? -9.182  -9.989  1.598   1.00 15.00 ? 125 HOH B O     1 
HETATM 466 O O     . HOH D 3 .  ? -7.814  -10.595 -1.301  1.00 27.54 ? 126 HOH B O     1 
HETATM 467 O O     . HOH D 3 .  ? 4.631   6.947   11.067  1.00 24.09 ? 127 HOH B O     1 
HETATM 468 O O     . HOH D 3 .  ? -5.737  8.639   6.625   1.00 14.43 ? 128 HOH B O     1 
HETATM 469 O O     . HOH D 3 .  ? 1.450   6.303   -1.249  1.00 22.87 ? 129 HOH B O     1 
HETATM 470 O O     . HOH D 3 .  ? 0.422   -15.146 4.311   1.00 16.64 ? 130 HOH B O     1 
HETATM 471 O O     . HOH D 3 .  ? -5.298  -16.998 12.149  1.00 22.36 ? 131 HOH B O     1 
HETATM 472 O O     . HOH D 3 .  ? -0.846  -1.435  18.442  0.50 17.95 ? 132 HOH B O     1 
HETATM 473 O O     . HOH D 3 .  ? -2.489  4.696   12.166  1.00 23.12 ? 133 HOH B O     1 
HETATM 474 O O     . HOH D 3 .  ? -10.114 -11.935 7.411   1.00 27.50 ? 134 HOH B O     1 
HETATM 475 O O     . HOH D 3 .  ? -3.290  8.681   -10.048 1.00 20.49 ? 135 HOH B O     1 
HETATM 476 O O     . HOH D 3 .  ? -5.431  -16.419 3.609   1.00 23.53 ? 136 HOH B O     1 
HETATM 477 O O     . HOH D 3 .  ? -3.251  7.691   13.677  1.00 21.43 ? 137 HOH B O     1 
HETATM 478 O O     . HOH D 3 .  ? -7.098  -10.443 13.965  1.00 33.78 ? 138 HOH B O     1 
# 
